data_8DTC
#
_entry.id   8DTC
#
_cell.length_a   114.990
_cell.length_b   52.790
_cell.length_c   118.350
_cell.angle_alpha   90.000
_cell.angle_beta   118.620
_cell.angle_gamma   90.000
#
_symmetry.space_group_name_H-M   'P 1 21 1'
#
loop_
_entity.id
_entity.type
_entity.pdbx_description
1 polymer Glucokinase
2 non-polymer beta-D-glucopyranose
3 non-polymer 'SULFATE ION'
4 non-polymer 1,2-ETHANEDIOL
5 water water
#
_entity_poly.entity_id   1
_entity_poly.type   'polypeptide(L)'
_entity_poly.pdbx_seq_one_letter_code
;MRGSHHHHHHGSTSAPPLPISTLVDIGEEARPALLHWKDRFKESLKYFVGVDIGGTNTRVALDTGSSDEPYVQIAKFRAS
SSKHIVEGLQQVARQVADILGVPASGACLAGAGRIGDDGLSLDITNYPGTPADRTLTSDQLPTYLFPADATHYINDLEST
CYGLKSLNESNQLASFFKPLWSTSDTVTMKRANYLVLAVGTGLGIALLTSLGRGSRNIPLQVMPMEFGHALYSPVTDPAK
KDEEDRLAAYLSKTLYSGKNAIEYEDIVSGRGVLAVYQWITAEHKEAAKYESAEEISAAAFREDPCPFATKALLIHYRFL
MRVAKNLCVGLQAKGMFLAGDNQVVNNPFFEKYLAEMRAEFLDHPKPDWIDKVELYTQTQSFNINLHGALYYARTDQR
;
_entity_poly.pdbx_strand_id   A,B
#
loop_
_chem_comp.id
_chem_comp.type
_chem_comp.name
_chem_comp.formula
BGC D-saccharide, beta linking beta-D-glucopyranose 'C6 H12 O6'
EDO non-polymer 1,2-ETHANEDIOL 'C2 H6 O2'
SO4 non-polymer 'SULFATE ION' 'O4 S -2'
#
# COMPACT_ATOMS: atom_id res chain seq x y z
N LEU A 23 28.01 -27.56 -16.95
CA LEU A 23 27.67 -26.49 -17.90
C LEU A 23 27.64 -25.12 -17.21
N VAL A 24 27.56 -25.11 -15.88
CA VAL A 24 27.62 -23.88 -15.09
C VAL A 24 28.92 -23.88 -14.30
N ASP A 25 29.83 -22.96 -14.63
CA ASP A 25 31.13 -22.89 -14.00
C ASP A 25 31.25 -21.66 -13.11
N ILE A 26 32.01 -21.80 -12.03
CA ILE A 26 32.41 -20.66 -11.23
C ILE A 26 33.42 -19.85 -12.03
N GLY A 27 33.22 -18.52 -12.07
CA GLY A 27 34.12 -17.63 -12.76
C GLY A 27 35.57 -17.86 -12.39
N GLU A 28 36.46 -17.89 -13.40
CA GLU A 28 37.87 -18.08 -13.12
C GLU A 28 38.43 -16.95 -12.27
N GLU A 29 38.04 -15.71 -12.58
CA GLU A 29 38.48 -14.56 -11.80
C GLU A 29 38.14 -14.69 -10.32
N ALA A 30 37.13 -15.48 -9.98
CA ALA A 30 36.65 -15.54 -8.59
C ALA A 30 37.37 -16.57 -7.75
N ARG A 31 37.88 -17.65 -8.38
CA ARG A 31 38.62 -18.67 -7.64
C ARG A 31 39.75 -18.13 -6.77
N PRO A 32 40.59 -17.18 -7.21
CA PRO A 32 41.64 -16.70 -6.31
C PRO A 32 41.09 -15.90 -5.14
N ALA A 33 39.98 -15.19 -5.32
CA ALA A 33 39.39 -14.45 -4.21
C ALA A 33 38.86 -15.40 -3.15
N LEU A 34 38.26 -16.51 -3.56
CA LEU A 34 37.78 -17.48 -2.58
C LEU A 34 38.94 -18.18 -1.89
N LEU A 35 39.99 -18.53 -2.64
CA LEU A 35 41.16 -19.13 -2.00
C LEU A 35 41.78 -18.18 -0.99
N HIS A 36 41.73 -16.88 -1.26
CA HIS A 36 42.25 -15.93 -0.28
C HIS A 36 41.45 -15.99 1.02
N TRP A 37 40.12 -16.11 0.94
CA TRP A 37 39.33 -16.27 2.16
C TRP A 37 39.70 -17.55 2.91
N LYS A 38 39.90 -18.64 2.17
CA LYS A 38 40.27 -19.90 2.80
C LYS A 38 41.56 -19.76 3.57
N ASP A 39 42.59 -19.17 2.94
CA ASP A 39 43.89 -19.06 3.59
C ASP A 39 43.86 -18.04 4.72
N ARG A 40 42.98 -17.04 4.63
CA ARG A 40 42.90 -16.01 5.66
C ARG A 40 42.15 -16.50 6.90
N PHE A 41 40.93 -16.97 6.72
CA PHE A 41 40.08 -17.31 7.86
C PHE A 41 40.11 -18.79 8.21
N LYS A 42 40.65 -19.64 7.34
CA LYS A 42 40.75 -21.08 7.56
C LYS A 42 39.47 -21.66 8.15
N GLU A 43 39.55 -22.26 9.34
CA GLU A 43 38.41 -22.98 9.89
C GLU A 43 37.28 -22.04 10.33
N SER A 44 37.61 -20.84 10.78
CA SER A 44 36.63 -19.89 11.28
C SER A 44 35.83 -19.20 10.17
N LEU A 45 36.00 -19.60 8.92
CA LEU A 45 35.40 -18.90 7.79
C LEU A 45 33.88 -18.92 7.88
N LYS A 46 33.29 -17.74 7.94
CA LYS A 46 31.84 -17.58 7.95
C LYS A 46 31.44 -16.73 6.76
N TYR A 47 30.49 -17.20 5.96
CA TYR A 47 30.12 -16.45 4.77
C TYR A 47 28.64 -16.66 4.45
N PHE A 48 28.10 -15.72 3.68
CA PHE A 48 26.70 -15.69 3.30
C PHE A 48 26.59 -15.76 1.79
N VAL A 49 25.43 -16.22 1.34
CA VAL A 49 25.16 -16.45 -0.07
C VAL A 49 24.04 -15.52 -0.51
N GLY A 50 24.22 -14.85 -1.63
CA GLY A 50 23.17 -14.08 -2.25
C GLY A 50 22.92 -14.62 -3.64
N VAL A 51 21.66 -14.74 -4.01
CA VAL A 51 21.25 -15.19 -5.32
C VAL A 51 20.26 -14.18 -5.87
N ASP A 52 20.45 -13.78 -7.12
CA ASP A 52 19.50 -12.92 -7.82
C ASP A 52 19.02 -13.65 -9.05
N ILE A 53 17.77 -14.06 -9.04
CA ILE A 53 17.16 -14.73 -10.19
C ILE A 53 16.67 -13.63 -11.11
N GLY A 54 17.50 -13.25 -12.07
CA GLY A 54 17.14 -12.18 -12.99
C GLY A 54 16.26 -12.68 -14.13
N GLY A 55 15.88 -11.74 -14.99
CA GLY A 55 15.01 -12.08 -16.11
C GLY A 55 15.67 -12.97 -17.14
N THR A 56 16.99 -12.90 -17.27
CA THR A 56 17.73 -13.78 -18.16
C THR A 56 18.72 -14.66 -17.41
N ASN A 57 19.48 -14.06 -16.50
CA ASN A 57 20.57 -14.73 -15.81
C ASN A 57 20.32 -14.78 -14.32
N THR A 58 20.81 -15.85 -13.70
CA THR A 58 20.82 -16.00 -12.26
C THR A 58 22.24 -15.77 -11.76
N ARG A 59 22.38 -14.91 -10.76
CA ARG A 59 23.69 -14.52 -10.25
C ARG A 59 23.82 -15.00 -8.82
N VAL A 60 25.02 -15.47 -8.48
CA VAL A 60 25.35 -15.90 -7.13
C VAL A 60 26.57 -15.10 -6.67
N ALA A 61 26.53 -14.60 -5.44
CA ALA A 61 27.67 -13.94 -4.82
C ALA A 61 27.88 -14.52 -3.43
N LEU A 62 29.11 -14.49 -2.96
CA LEU A 62 29.46 -14.86 -1.60
C LEU A 62 29.98 -13.62 -0.87
N ASP A 63 29.78 -13.57 0.44
CA ASP A 63 30.07 -12.39 1.23
C ASP A 63 30.43 -12.78 2.65
N THR A 64 31.62 -12.39 3.12
CA THR A 64 32.01 -12.67 4.50
C THR A 64 31.23 -11.85 5.51
N GLY A 65 30.54 -10.79 5.07
CA GLY A 65 29.85 -9.90 5.95
C GLY A 65 30.68 -8.77 6.53
N SER A 66 32.00 -8.80 6.39
CA SER A 66 32.84 -7.71 6.87
C SER A 66 33.37 -6.91 5.70
N SER A 67 33.36 -5.58 5.83
CA SER A 67 33.63 -4.68 4.70
C SER A 67 35.09 -4.70 4.25
N ASP A 68 36.00 -5.20 5.08
CA ASP A 68 37.39 -5.26 4.67
C ASP A 68 37.63 -6.32 3.58
N GLU A 69 36.63 -7.12 3.26
CA GLU A 69 36.67 -8.06 2.13
C GLU A 69 35.52 -7.74 1.17
N PRO A 70 35.79 -7.16 0.01
CA PRO A 70 34.72 -7.00 -0.98
C PRO A 70 34.05 -8.34 -1.27
N TYR A 71 32.73 -8.32 -1.37
CA TYR A 71 32.05 -9.55 -1.70
C TYR A 71 32.36 -9.92 -3.13
N VAL A 72 32.13 -11.20 -3.44
CA VAL A 72 32.62 -11.82 -4.66
C VAL A 72 31.45 -12.45 -5.38
N GLN A 73 31.20 -12.02 -6.61
CA GLN A 73 30.25 -12.70 -7.46
C GLN A 73 30.92 -13.92 -8.07
N ILE A 74 30.31 -15.08 -7.88
CA ILE A 74 30.97 -16.32 -8.25
C ILE A 74 30.34 -17.01 -9.44
N ALA A 75 29.13 -16.63 -9.84
CA ALA A 75 28.52 -17.31 -10.97
C ALA A 75 27.44 -16.44 -11.59
N LYS A 76 27.29 -16.59 -12.91
CA LYS A 76 26.21 -15.99 -13.67
C LYS A 76 25.86 -16.99 -14.77
N PHE A 77 24.62 -17.50 -14.76
CA PHE A 77 24.23 -18.49 -15.75
C PHE A 77 22.80 -18.22 -16.21
N ARG A 78 22.52 -18.60 -17.46
CA ARG A 78 21.19 -18.41 -18.02
CA ARG A 78 21.20 -18.42 -18.03
C ARG A 78 20.22 -19.43 -17.44
N ALA A 79 19.02 -18.95 -17.09
CA ALA A 79 18.00 -19.83 -16.52
C ALA A 79 16.64 -19.18 -16.70
N SER A 80 15.64 -20.00 -16.99
CA SER A 80 14.29 -19.50 -17.21
C SER A 80 13.24 -20.45 -16.64
N SER A 81 13.64 -21.45 -15.87
CA SER A 81 12.74 -22.38 -15.23
C SER A 81 13.33 -22.76 -13.87
N SER A 82 12.47 -23.29 -13.00
CA SER A 82 12.95 -23.72 -11.70
C SER A 82 14.00 -24.80 -11.82
N LYS A 83 13.90 -25.66 -12.84
CA LYS A 83 14.88 -26.73 -12.99
C LYS A 83 16.26 -26.17 -13.31
N HIS A 84 16.34 -25.24 -14.25
CA HIS A 84 17.62 -24.59 -14.57
C HIS A 84 18.24 -23.94 -13.33
N ILE A 85 17.42 -23.22 -12.57
CA ILE A 85 17.94 -22.50 -11.40
C ILE A 85 18.52 -23.49 -10.40
N VAL A 86 17.75 -24.51 -10.04
CA VAL A 86 18.20 -25.43 -9.01
C VAL A 86 19.42 -26.20 -9.49
N GLU A 87 19.42 -26.64 -10.75
CA GLU A 87 20.55 -27.40 -11.29
C GLU A 87 21.80 -26.54 -11.32
N GLY A 88 21.67 -25.28 -11.71
CA GLY A 88 22.82 -24.39 -11.69
C GLY A 88 23.34 -24.17 -10.28
N LEU A 89 22.44 -23.96 -9.32
CA LEU A 89 22.86 -23.74 -7.94
C LEU A 89 23.55 -24.98 -7.38
N GLN A 90 23.09 -26.16 -7.78
N GLN A 90 23.09 -26.16 -7.78
CA GLN A 90 23.73 -27.40 -7.35
CA GLN A 90 23.74 -27.39 -7.34
C GLN A 90 25.16 -27.48 -7.85
C GLN A 90 25.18 -27.45 -7.84
N GLN A 91 25.40 -27.12 -9.12
CA GLN A 91 26.74 -27.11 -9.66
C GLN A 91 27.61 -26.07 -8.95
N VAL A 92 27.05 -24.90 -8.68
CA VAL A 92 27.84 -23.88 -8.00
C VAL A 92 28.21 -24.33 -6.59
N ALA A 93 27.25 -24.95 -5.87
CA ALA A 93 27.53 -25.43 -4.52
C ALA A 93 28.70 -26.41 -4.50
N ARG A 94 28.75 -27.32 -5.46
CA ARG A 94 29.84 -28.30 -5.49
C ARG A 94 31.18 -27.62 -5.73
N GLN A 95 31.21 -26.64 -6.64
CA GLN A 95 32.47 -25.99 -6.93
C GLN A 95 32.94 -25.14 -5.77
N VAL A 96 32.02 -24.49 -5.04
CA VAL A 96 32.41 -23.78 -3.82
C VAL A 96 32.95 -24.75 -2.78
N ALA A 97 32.28 -25.90 -2.61
CA ALA A 97 32.72 -26.87 -1.62
C ALA A 97 34.14 -27.34 -1.88
N ASP A 98 34.51 -27.53 -3.14
CA ASP A 98 35.88 -27.96 -3.42
C ASP A 98 36.90 -26.87 -3.11
N ILE A 99 36.51 -25.60 -3.25
CA ILE A 99 37.43 -24.48 -3.00
C ILE A 99 37.48 -24.13 -1.52
N LEU A 100 36.32 -23.84 -0.93
CA LEU A 100 36.26 -23.28 0.42
C LEU A 100 36.25 -24.34 1.50
N GLY A 101 35.60 -25.48 1.27
CA GLY A 101 35.59 -26.50 2.30
C GLY A 101 34.85 -26.12 3.56
N VAL A 102 34.07 -25.04 3.53
CA VAL A 102 33.20 -24.67 4.64
C VAL A 102 31.83 -24.33 4.07
N PRO A 103 30.75 -24.88 4.62
CA PRO A 103 29.42 -24.52 4.12
C PRO A 103 29.02 -23.11 4.56
N ALA A 104 28.04 -22.56 3.86
CA ALA A 104 27.58 -21.20 4.12
C ALA A 104 26.81 -21.11 5.43
N SER A 105 26.91 -19.94 6.08
CA SER A 105 26.20 -19.72 7.34
C SER A 105 24.82 -19.13 7.16
N GLY A 106 24.51 -18.62 5.97
CA GLY A 106 23.23 -17.99 5.71
C GLY A 106 23.11 -17.69 4.24
N ALA A 107 21.88 -17.59 3.77
CA ALA A 107 21.65 -17.45 2.34
C ALA A 107 20.34 -16.71 2.10
N CYS A 108 20.29 -15.99 0.97
CA CYS A 108 19.10 -15.25 0.58
C CYS A 108 18.97 -15.26 -0.92
N LEU A 109 17.78 -15.58 -1.43
CA LEU A 109 17.51 -15.63 -2.87
C LEU A 109 16.42 -14.62 -3.24
N ALA A 110 16.71 -13.76 -4.21
CA ALA A 110 15.76 -12.78 -4.71
C ALA A 110 15.17 -13.24 -6.05
N GLY A 111 13.85 -13.14 -6.20
CA GLY A 111 13.22 -13.50 -7.46
C GLY A 111 11.91 -12.77 -7.66
N ALA A 112 11.39 -12.84 -8.88
CA ALA A 112 10.28 -12.01 -9.32
C ALA A 112 8.94 -12.69 -9.02
N GLY A 113 8.56 -12.70 -7.75
CA GLY A 113 7.30 -13.34 -7.43
C GLY A 113 6.91 -13.18 -5.98
N ARG A 114 5.86 -13.90 -5.61
CA ARG A 114 5.32 -13.88 -4.27
C ARG A 114 6.12 -14.83 -3.37
N ILE A 115 6.28 -14.44 -2.11
CA ILE A 115 7.07 -15.18 -1.14
C ILE A 115 6.12 -15.84 -0.15
N GLY A 116 6.38 -17.11 0.16
CA GLY A 116 5.63 -17.78 1.20
C GLY A 116 5.80 -17.11 2.54
N ASP A 117 4.84 -17.34 3.43
CA ASP A 117 4.79 -16.66 4.72
C ASP A 117 6.05 -16.86 5.54
N ASP A 118 6.67 -18.02 5.46
CA ASP A 118 7.87 -18.31 6.23
C ASP A 118 9.14 -17.89 5.52
N GLY A 119 9.04 -17.32 4.32
CA GLY A 119 10.21 -17.01 3.52
C GLY A 119 10.86 -18.22 2.86
N LEU A 120 10.20 -19.37 2.87
CA LEU A 120 10.80 -20.61 2.40
C LEU A 120 10.35 -21.02 0.99
N SER A 121 9.54 -20.19 0.32
CA SER A 121 9.15 -20.49 -1.05
C SER A 121 9.01 -19.19 -1.85
N LEU A 122 9.04 -19.35 -3.17
CA LEU A 122 8.90 -18.23 -4.09
C LEU A 122 8.15 -18.73 -5.29
N ASP A 123 7.08 -18.03 -5.65
CA ASP A 123 6.23 -18.36 -6.79
C ASP A 123 6.51 -17.29 -7.83
N ILE A 124 7.29 -17.65 -8.86
CA ILE A 124 7.74 -16.71 -9.88
C ILE A 124 6.57 -16.43 -10.82
N THR A 125 5.97 -15.25 -10.67
CA THR A 125 4.64 -14.97 -11.24
C THR A 125 4.57 -15.28 -12.73
N ASN A 126 5.57 -14.85 -13.50
CA ASN A 126 5.47 -14.85 -14.95
C ASN A 126 6.17 -16.03 -15.62
N TYR A 127 6.59 -17.04 -14.86
CA TYR A 127 7.03 -18.27 -15.49
C TYR A 127 5.83 -19.06 -16.02
N PRO A 128 6.00 -19.84 -17.08
CA PRO A 128 4.90 -20.65 -17.59
C PRO A 128 4.63 -21.86 -16.71
N GLY A 129 3.50 -22.50 -16.96
CA GLY A 129 3.18 -23.78 -16.33
C GLY A 129 2.25 -23.65 -15.13
N THR A 130 2.19 -24.74 -14.38
CA THR A 130 1.41 -24.78 -13.14
C THR A 130 2.08 -23.94 -12.07
N PRO A 131 1.34 -23.56 -11.01
CA PRO A 131 1.98 -22.92 -9.85
C PRO A 131 3.15 -23.72 -9.28
N ALA A 132 3.07 -25.05 -9.31
CA ALA A 132 4.20 -25.86 -8.86
C ALA A 132 5.41 -25.67 -9.78
N ASP A 133 5.18 -25.61 -11.10
CA ASP A 133 6.26 -25.32 -12.02
C ASP A 133 6.93 -23.99 -11.71
N ARG A 134 6.15 -23.02 -11.23
CA ARG A 134 6.64 -21.68 -10.96
C ARG A 134 7.28 -21.55 -9.58
N THR A 135 7.23 -22.57 -8.74
CA THR A 135 7.54 -22.38 -7.33
C THR A 135 8.90 -22.99 -6.99
N LEU A 136 9.76 -22.18 -6.39
CA LEU A 136 10.98 -22.66 -5.76
C LEU A 136 10.73 -22.80 -4.27
N THR A 137 11.25 -23.87 -3.67
CA THR A 137 11.24 -24.01 -2.22
C THR A 137 12.67 -24.09 -1.71
N SER A 138 12.80 -24.06 -0.39
CA SER A 138 14.14 -24.05 0.20
C SER A 138 14.72 -25.44 0.33
N ASP A 139 13.89 -26.47 0.20
CA ASP A 139 14.34 -27.85 0.26
C ASP A 139 14.82 -28.38 -1.09
N GLN A 140 14.56 -27.67 -2.17
CA GLN A 140 15.18 -28.05 -3.44
C GLN A 140 16.66 -27.69 -3.49
N LEU A 141 17.13 -26.83 -2.58
CA LEU A 141 18.43 -26.16 -2.60
C LEU A 141 19.51 -27.02 -1.96
N PRO A 142 20.73 -26.99 -2.51
CA PRO A 142 21.83 -27.77 -1.93
C PRO A 142 22.27 -27.17 -0.60
N THR A 143 22.34 -28.03 0.43
CA THR A 143 22.64 -27.58 1.78
C THR A 143 23.93 -26.76 1.85
N TYR A 144 24.93 -27.11 1.03
CA TYR A 144 26.24 -26.48 1.17
C TYR A 144 26.17 -24.96 1.11
N LEU A 145 25.36 -24.40 0.21
CA LEU A 145 25.22 -22.95 0.10
C LEU A 145 23.96 -22.43 0.76
N PHE A 146 23.02 -23.30 1.12
CA PHE A 146 21.71 -22.88 1.62
C PHE A 146 21.40 -23.64 2.90
N PRO A 147 21.89 -23.15 4.06
CA PRO A 147 21.75 -23.92 5.31
C PRO A 147 20.31 -23.94 5.80
N ALA A 148 19.92 -25.10 6.35
CA ALA A 148 18.63 -25.23 7.02
C ALA A 148 18.52 -24.18 8.11
N ASP A 149 17.35 -23.55 8.23
CA ASP A 149 17.06 -22.52 9.24
C ASP A 149 17.72 -21.19 8.95
N ALA A 150 18.52 -21.05 7.88
CA ALA A 150 19.13 -19.76 7.61
C ALA A 150 19.07 -19.40 6.13
N THR A 151 18.05 -19.88 5.43
CA THR A 151 17.84 -19.59 4.02
C THR A 151 16.45 -18.99 3.79
N HIS A 152 16.38 -17.88 3.07
CA HIS A 152 15.08 -17.28 2.77
C HIS A 152 15.04 -16.74 1.33
N TYR A 153 13.88 -16.89 0.71
CA TYR A 153 13.56 -16.14 -0.49
C TYR A 153 12.98 -14.78 -0.13
N ILE A 154 13.27 -13.79 -0.97
CA ILE A 154 12.64 -12.48 -0.89
C ILE A 154 12.27 -12.07 -2.31
N ASN A 155 11.35 -11.12 -2.42
CA ASN A 155 10.90 -10.66 -3.71
C ASN A 155 11.97 -9.74 -4.32
N ASP A 156 11.96 -9.63 -5.66
CA ASP A 156 13.03 -8.89 -6.32
C ASP A 156 13.01 -7.42 -5.93
N LEU A 157 11.84 -6.78 -5.92
CA LEU A 157 11.78 -5.37 -5.61
C LEU A 157 11.97 -5.13 -4.11
N GLU A 158 11.54 -6.10 -3.30
CA GLU A 158 11.94 -6.13 -1.89
C GLU A 158 13.46 -6.13 -1.76
N SER A 159 14.17 -6.88 -2.61
CA SER A 159 15.62 -6.92 -2.53
CA SER A 159 15.62 -6.92 -2.52
C SER A 159 16.24 -5.60 -3.00
N THR A 160 15.62 -4.95 -3.98
CA THR A 160 16.07 -3.62 -4.40
C THR A 160 16.06 -2.65 -3.24
N CYS A 161 15.01 -2.70 -2.41
CA CYS A 161 14.92 -1.84 -1.24
C CYS A 161 16.03 -2.12 -0.25
N TYR A 162 16.29 -3.41 0.05
CA TYR A 162 17.40 -3.73 0.93
C TYR A 162 18.72 -3.27 0.34
N GLY A 163 18.86 -3.31 -0.99
CA GLY A 163 20.06 -2.78 -1.62
C GLY A 163 20.16 -1.28 -1.51
N LEU A 164 19.02 -0.58 -1.57
CA LEU A 164 19.04 0.87 -1.37
C LEU A 164 19.45 1.20 0.07
N LYS A 165 18.93 0.47 1.05
CA LYS A 165 19.32 0.68 2.44
C LYS A 165 20.81 0.46 2.64
N SER A 166 21.33 -0.63 2.06
CA SER A 166 22.75 -0.89 2.16
C SER A 166 23.56 0.25 1.53
N LEU A 167 23.25 0.60 0.27
CA LEU A 167 23.88 1.74 -0.39
C LEU A 167 23.80 2.99 0.48
N ASN A 168 22.63 3.24 1.07
CA ASN A 168 22.49 4.43 1.89
C ASN A 168 23.40 4.37 3.11
N GLU A 169 23.46 3.22 3.78
CA GLU A 169 24.31 3.07 4.96
C GLU A 169 25.79 3.20 4.61
N SER A 170 26.20 2.75 3.42
CA SER A 170 27.58 2.89 2.97
CA SER A 170 27.59 2.90 2.99
C SER A 170 27.88 4.27 2.36
N ASN A 171 26.93 5.19 2.42
CA ASN A 171 27.12 6.55 1.91
C ASN A 171 27.37 6.55 0.40
N GLN A 172 26.81 5.58 -0.32
CA GLN A 172 27.06 5.42 -1.75
CA GLN A 172 27.06 5.45 -1.75
C GLN A 172 25.80 5.63 -2.59
N LEU A 173 24.70 6.07 -1.97
CA LEU A 173 23.43 6.18 -2.68
C LEU A 173 23.54 7.12 -3.88
N ALA A 174 24.19 8.27 -3.68
CA ALA A 174 24.29 9.27 -4.75
C ALA A 174 25.19 8.82 -5.89
N SER A 175 25.99 7.79 -5.69
CA SER A 175 26.81 7.26 -6.77
C SER A 175 26.00 6.42 -7.76
N PHE A 176 24.79 6.00 -7.39
CA PHE A 176 23.99 5.18 -8.26
C PHE A 176 22.66 5.80 -8.66
N PHE A 177 22.28 6.94 -8.07
CA PHE A 177 20.99 7.56 -8.37
C PHE A 177 21.14 9.06 -8.43
N LYS A 178 20.44 9.67 -9.38
CA LYS A 178 20.40 11.13 -9.46
C LYS A 178 18.97 11.61 -9.35
N PRO A 179 18.76 12.83 -8.90
CA PRO A 179 17.41 13.39 -8.85
C PRO A 179 16.93 13.88 -10.20
N LEU A 180 15.65 13.62 -10.48
CA LEU A 180 14.92 14.23 -11.59
C LEU A 180 13.93 15.28 -11.14
N TRP A 181 13.22 15.04 -10.03
CA TRP A 181 12.38 16.02 -9.36
C TRP A 181 12.86 16.12 -7.92
N SER A 182 13.34 17.30 -7.53
CA SER A 182 13.87 17.45 -6.19
C SER A 182 14.16 18.91 -5.93
N THR A 183 14.03 19.31 -4.67
CA THR A 183 14.58 20.59 -4.21
C THR A 183 16.07 20.49 -3.92
N SER A 184 16.68 19.32 -4.07
CA SER A 184 18.08 19.08 -3.77
C SER A 184 18.77 18.48 -4.99
N ASP A 185 20.11 18.55 -4.98
CA ASP A 185 20.89 18.01 -6.08
C ASP A 185 21.56 16.68 -5.75
N THR A 186 21.50 16.23 -4.50
CA THR A 186 22.03 14.94 -4.10
C THR A 186 20.91 14.07 -3.56
N VAL A 187 20.91 12.80 -3.96
CA VAL A 187 19.88 11.86 -3.54
C VAL A 187 20.15 11.44 -2.10
N THR A 188 19.18 11.67 -1.23
CA THR A 188 19.23 11.19 0.15
C THR A 188 17.99 10.35 0.45
N MET A 189 18.09 9.55 1.50
CA MET A 189 16.96 8.79 2.00
C MET A 189 16.68 9.22 3.43
N LYS A 190 15.51 9.79 3.66
CA LYS A 190 15.11 10.28 4.96
C LYS A 190 14.15 9.28 5.60
N ARG A 191 13.63 9.65 6.77
CA ARG A 191 12.63 8.83 7.45
C ARG A 191 11.28 9.20 6.84
N ALA A 192 11.01 8.63 5.68
CA ALA A 192 9.78 8.88 4.94
C ALA A 192 9.49 7.66 4.07
N ASN A 193 8.29 7.63 3.50
CA ASN A 193 7.90 6.57 2.57
C ASN A 193 8.49 6.84 1.19
N TYR A 194 9.04 5.80 0.57
CA TYR A 194 9.52 5.89 -0.79
C TYR A 194 9.00 4.72 -1.61
N LEU A 195 8.53 5.01 -2.82
CA LEU A 195 8.23 3.97 -3.78
C LEU A 195 9.51 3.57 -4.50
N VAL A 196 9.65 2.28 -4.76
CA VAL A 196 10.76 1.76 -5.56
C VAL A 196 10.15 0.99 -6.73
N LEU A 197 10.55 1.35 -7.95
CA LEU A 197 9.95 0.80 -9.15
C LEU A 197 11.05 0.31 -10.10
N ALA A 198 10.74 -0.78 -10.81
CA ALA A 198 11.60 -1.34 -11.86
C ALA A 198 10.72 -2.12 -12.83
N VAL A 199 11.06 -2.06 -14.11
CA VAL A 199 10.24 -2.66 -15.17
C VAL A 199 11.09 -3.63 -15.97
N GLY A 200 10.58 -4.84 -16.19
CA GLY A 200 11.29 -5.82 -16.99
C GLY A 200 10.36 -6.94 -17.42
N THR A 201 10.59 -8.15 -16.92
CA THR A 201 9.60 -9.20 -17.12
C THR A 201 8.25 -8.78 -16.56
N GLY A 202 8.23 -7.93 -15.54
CA GLY A 202 6.99 -7.46 -14.97
C GLY A 202 7.09 -6.04 -14.46
N LEU A 203 6.03 -5.55 -13.83
CA LEU A 203 6.07 -4.27 -13.14
C LEU A 203 6.30 -4.53 -11.65
N GLY A 204 7.50 -4.23 -11.17
CA GLY A 204 7.84 -4.40 -9.76
C GLY A 204 7.71 -3.09 -9.00
N ILE A 205 7.01 -3.13 -7.88
CA ILE A 205 6.89 -1.98 -6.99
C ILE A 205 6.98 -2.45 -5.55
N ALA A 206 7.76 -1.73 -4.74
CA ALA A 206 7.86 -1.97 -3.30
C ALA A 206 7.87 -0.64 -2.57
N LEU A 207 7.59 -0.70 -1.27
CA LEU A 207 7.56 0.49 -0.44
C LEU A 207 8.61 0.37 0.65
N LEU A 208 9.49 1.36 0.71
CA LEU A 208 10.27 1.65 1.91
C LEU A 208 9.40 2.53 2.80
N THR A 209 9.03 2.04 3.98
CA THR A 209 8.09 2.76 4.81
C THR A 209 8.67 3.04 6.17
N SER A 210 8.39 4.24 6.68
CA SER A 210 8.74 4.63 8.04
CA SER A 210 8.74 4.62 8.04
C SER A 210 7.43 4.75 8.80
N LEU A 211 7.19 3.81 9.70
CA LEU A 211 5.94 3.81 10.46
C LEU A 211 6.21 4.40 11.82
N GLY A 212 5.19 5.06 12.36
CA GLY A 212 5.30 5.68 13.67
C GLY A 212 5.69 7.14 13.59
N ARG A 213 4.98 7.99 14.32
CA ARG A 213 5.33 9.40 14.47
C ARG A 213 5.82 9.62 15.89
N GLY A 214 6.71 10.59 16.06
CA GLY A 214 7.22 10.89 17.39
C GLY A 214 8.10 9.77 17.91
N SER A 215 7.91 9.42 19.19
CA SER A 215 8.69 8.37 19.82
CA SER A 215 8.69 8.37 19.82
CA SER A 215 8.67 8.37 19.85
C SER A 215 8.41 6.99 19.25
N ARG A 216 7.45 6.86 18.33
CA ARG A 216 7.12 5.58 17.72
C ARG A 216 7.82 5.33 16.39
N ASN A 217 8.60 6.29 15.89
CA ASN A 217 9.22 6.13 14.58
C ASN A 217 10.26 5.03 14.58
N ILE A 218 10.23 4.20 13.55
CA ILE A 218 11.10 3.05 13.37
C ILE A 218 11.90 3.26 12.09
N PRO A 219 13.19 2.83 12.02
CA PRO A 219 13.91 2.92 10.74
C PRO A 219 13.15 2.29 9.57
N LEU A 220 13.52 2.66 8.34
CA LEU A 220 12.77 2.25 7.15
C LEU A 220 12.64 0.74 7.06
N GLN A 221 11.40 0.28 6.91
CA GLN A 221 11.11 -1.12 6.69
C GLN A 221 10.72 -1.33 5.23
N VAL A 222 10.86 -2.57 4.78
CA VAL A 222 10.57 -2.92 3.39
C VAL A 222 9.22 -3.62 3.33
N MET A 223 8.37 -3.16 2.44
CA MET A 223 7.08 -3.80 2.22
C MET A 223 6.98 -4.19 0.76
N PRO A 224 7.07 -5.47 0.44
CA PRO A 224 6.88 -5.90 -0.94
C PRO A 224 5.40 -5.76 -1.31
N MET A 225 5.16 -5.61 -2.59
CA MET A 225 3.82 -5.34 -3.09
C MET A 225 3.68 -6.01 -4.43
N GLU A 226 2.43 -6.03 -4.92
CA GLU A 226 2.10 -6.63 -6.23
C GLU A 226 1.17 -5.71 -7.01
N PHE A 227 1.42 -4.40 -6.92
CA PHE A 227 0.50 -3.47 -7.58
C PHE A 227 0.64 -3.48 -9.10
N GLY A 228 1.68 -4.10 -9.64
CA GLY A 228 1.73 -4.28 -11.08
C GLY A 228 0.53 -5.02 -11.60
N HIS A 229 -0.10 -5.84 -10.76
CA HIS A 229 -1.24 -6.66 -11.15
C HIS A 229 -2.58 -6.04 -10.74
N ALA A 230 -2.55 -4.84 -10.18
CA ALA A 230 -3.80 -4.11 -10.00
C ALA A 230 -4.32 -3.67 -11.36
N LEU A 231 -5.64 -3.54 -11.46
CA LEU A 231 -6.28 -3.12 -12.70
C LEU A 231 -6.02 -1.64 -12.94
N TYR A 232 -5.90 -1.29 -14.22
CA TYR A 232 -5.46 0.05 -14.59
C TYR A 232 -6.53 1.10 -14.28
N SER A 233 -6.09 2.38 -14.25
CA SER A 233 -6.93 3.57 -14.18
C SER A 233 -6.94 4.26 -15.54
N PRO A 234 -8.06 4.85 -15.94
CA PRO A 234 -8.11 5.51 -17.23
C PRO A 234 -7.64 6.95 -17.15
N VAL A 235 -7.73 7.66 -18.26
CA VAL A 235 -7.51 9.10 -18.30
C VAL A 235 -8.76 9.73 -18.90
N THR A 236 -9.03 10.98 -18.56
CA THR A 236 -10.10 11.70 -19.25
C THR A 236 -9.59 12.86 -20.09
N ASP A 237 -8.31 13.22 -20.00
CA ASP A 237 -7.68 14.14 -20.93
C ASP A 237 -8.19 13.80 -22.33
N PRO A 238 -9.02 14.65 -22.91
CA PRO A 238 -9.78 14.24 -24.10
C PRO A 238 -8.91 13.89 -25.28
N ALA A 239 -7.72 14.50 -25.39
CA ALA A 239 -6.80 14.17 -26.47
C ALA A 239 -6.28 12.73 -26.40
N LYS A 240 -6.27 12.11 -25.20
CA LYS A 240 -5.71 10.77 -25.03
C LYS A 240 -6.75 9.69 -24.78
N LYS A 241 -7.96 10.06 -24.37
CA LYS A 241 -8.94 9.08 -23.91
C LYS A 241 -9.30 8.09 -25.01
N ASP A 242 -9.55 8.60 -26.23
CA ASP A 242 -10.01 7.75 -27.32
C ASP A 242 -8.99 6.67 -27.65
N GLU A 243 -7.73 7.05 -27.82
CA GLU A 243 -6.70 6.07 -28.15
C GLU A 243 -6.52 5.06 -27.02
N GLU A 244 -6.55 5.53 -25.77
CA GLU A 244 -6.34 4.61 -24.65
C GLU A 244 -7.50 3.63 -24.50
N ASP A 245 -8.73 4.10 -24.71
CA ASP A 245 -9.88 3.19 -24.62
C ASP A 245 -9.76 2.05 -25.63
N ARG A 246 -9.36 2.38 -26.85
CA ARG A 246 -9.19 1.35 -27.87
C ARG A 246 -8.05 0.40 -27.49
N LEU A 247 -6.95 0.93 -26.94
CA LEU A 247 -5.86 0.06 -26.55
C LEU A 247 -6.28 -0.85 -25.40
N ALA A 248 -6.94 -0.29 -24.39
CA ALA A 248 -7.41 -1.11 -23.27
C ALA A 248 -8.41 -2.16 -23.73
N ALA A 249 -9.37 -1.78 -24.58
CA ALA A 249 -10.36 -2.75 -25.05
C ALA A 249 -9.70 -3.83 -25.88
N TYR A 250 -8.74 -3.46 -26.72
CA TYR A 250 -8.05 -4.43 -27.55
C TYR A 250 -7.22 -5.40 -26.72
N LEU A 251 -6.47 -4.89 -25.73
CA LEU A 251 -5.68 -5.78 -24.88
C LEU A 251 -6.55 -6.66 -24.00
N SER A 252 -7.71 -6.16 -23.57
CA SER A 252 -8.63 -6.99 -22.79
C SER A 252 -9.20 -8.12 -23.62
N LYS A 253 -9.61 -7.83 -24.85
CA LYS A 253 -10.02 -8.89 -25.77
C LYS A 253 -8.88 -9.87 -26.03
N THR A 254 -7.67 -9.35 -26.20
CA THR A 254 -6.55 -10.19 -26.59
C THR A 254 -6.08 -11.06 -25.42
N LEU A 255 -5.82 -10.44 -24.26
CA LEU A 255 -5.30 -11.20 -23.13
C LEU A 255 -6.38 -12.03 -22.43
N TYR A 256 -7.61 -11.50 -22.34
CA TYR A 256 -8.60 -12.08 -21.45
C TYR A 256 -9.94 -12.32 -22.13
N SER A 257 -9.99 -12.29 -23.46
CA SER A 257 -11.24 -12.37 -24.21
C SER A 257 -12.29 -11.41 -23.64
N GLY A 258 -11.84 -10.28 -23.12
CA GLY A 258 -12.75 -9.27 -22.62
C GLY A 258 -13.40 -9.55 -21.30
N LYS A 259 -12.92 -10.55 -20.54
CA LYS A 259 -13.52 -10.83 -19.24
C LYS A 259 -13.18 -9.76 -18.21
N ASN A 260 -11.96 -9.23 -18.26
CA ASN A 260 -11.49 -8.29 -17.26
C ASN A 260 -10.82 -7.10 -17.94
N ALA A 261 -10.69 -6.02 -17.17
CA ALA A 261 -9.81 -4.94 -17.57
C ALA A 261 -8.37 -5.39 -17.40
N ILE A 262 -7.45 -4.69 -18.07
CA ILE A 262 -6.05 -5.07 -18.03
C ILE A 262 -5.43 -4.65 -16.69
N GLU A 263 -4.40 -5.39 -16.29
CA GLU A 263 -3.49 -4.98 -15.23
C GLU A 263 -2.52 -3.95 -15.77
N TYR A 264 -2.01 -3.10 -14.87
CA TYR A 264 -0.93 -2.19 -15.27
C TYR A 264 0.20 -2.94 -15.96
N GLU A 265 0.51 -4.14 -15.47
CA GLU A 265 1.64 -4.88 -16.01
C GLU A 265 1.42 -5.30 -17.46
N ASP A 266 0.16 -5.33 -17.92
CA ASP A 266 -0.08 -5.74 -19.31
C ASP A 266 0.44 -4.69 -20.28
N ILE A 267 0.62 -3.46 -19.83
CA ILE A 267 1.30 -2.43 -20.59
C ILE A 267 2.70 -2.17 -20.04
N VAL A 268 2.86 -2.18 -18.72
CA VAL A 268 4.12 -1.78 -18.11
C VAL A 268 4.99 -3.01 -17.89
N SER A 269 5.58 -3.50 -18.96
CA SER A 269 6.42 -4.70 -18.95
C SER A 269 7.08 -4.81 -20.30
N GLY A 270 8.10 -5.67 -20.39
CA GLY A 270 8.69 -5.92 -21.69
C GLY A 270 7.62 -6.32 -22.71
N ARG A 271 6.85 -7.36 -22.37
CA ARG A 271 5.79 -7.82 -23.26
C ARG A 271 4.77 -6.73 -23.51
N GLY A 272 4.56 -5.83 -22.55
CA GLY A 272 3.68 -4.70 -22.78
C GLY A 272 4.20 -3.78 -23.86
N VAL A 273 5.50 -3.47 -23.84
CA VAL A 273 6.08 -2.61 -24.86
C VAL A 273 5.84 -3.22 -26.22
N LEU A 274 6.06 -4.54 -26.35
CA LEU A 274 5.84 -5.21 -27.61
C LEU A 274 4.37 -5.14 -28.03
N ALA A 275 3.46 -5.40 -27.10
CA ALA A 275 2.05 -5.45 -27.46
C ALA A 275 1.53 -4.07 -27.89
N VAL A 276 1.96 -3.01 -27.19
CA VAL A 276 1.55 -1.67 -27.57
C VAL A 276 2.09 -1.33 -28.95
N TYR A 277 3.38 -1.62 -29.20
CA TYR A 277 3.98 -1.28 -30.49
C TYR A 277 3.30 -2.02 -31.63
N GLN A 278 2.97 -3.29 -31.42
CA GLN A 278 2.25 -4.03 -32.45
C GLN A 278 0.87 -3.42 -32.69
N TRP A 279 0.16 -3.05 -31.63
CA TRP A 279 -1.17 -2.47 -31.79
C TRP A 279 -1.09 -1.16 -32.56
N ILE A 280 -0.13 -0.29 -32.21
CA ILE A 280 0.02 0.98 -32.88
C ILE A 280 0.31 0.80 -34.35
N THR A 281 1.16 -0.15 -34.70
CA THR A 281 1.59 -0.32 -36.09
C THR A 281 0.75 -1.34 -36.84
N ALA A 282 -0.36 -1.81 -36.26
CA ALA A 282 -1.23 -2.75 -36.94
C ALA A 282 -1.57 -2.29 -38.36
N GLU A 283 -1.90 -1.01 -38.54
CA GLU A 283 -2.33 -0.48 -39.82
C GLU A 283 -1.18 0.05 -40.66
N HIS A 284 0.05 -0.39 -40.39
CA HIS A 284 1.23 0.18 -41.04
C HIS A 284 2.16 -0.95 -41.48
N LYS A 285 1.96 -1.41 -42.71
CA LYS A 285 2.64 -2.61 -43.21
C LYS A 285 4.15 -2.39 -43.31
N GLU A 286 4.58 -1.16 -43.54
CA GLU A 286 6.00 -0.87 -43.68
C GLU A 286 6.69 -0.55 -42.36
N ALA A 287 5.96 -0.45 -41.26
CA ALA A 287 6.59 -0.18 -39.99
C ALA A 287 7.60 -1.27 -39.65
N ALA A 288 8.71 -0.86 -39.04
CA ALA A 288 9.73 -1.81 -38.61
C ALA A 288 9.12 -2.86 -37.69
N LYS A 289 9.42 -4.12 -37.96
CA LYS A 289 8.81 -5.24 -37.24
C LYS A 289 9.72 -5.72 -36.12
N TYR A 290 9.96 -4.83 -35.16
CA TYR A 290 10.81 -5.16 -34.01
C TYR A 290 10.21 -6.33 -33.23
N GLU A 291 11.09 -7.17 -32.67
CA GLU A 291 10.66 -8.36 -31.95
C GLU A 291 10.97 -8.33 -30.46
N SER A 292 11.61 -7.26 -29.97
CA SER A 292 11.89 -7.15 -28.55
C SER A 292 11.59 -5.74 -28.08
N ALA A 293 11.27 -5.65 -26.79
CA ALA A 293 11.14 -4.36 -26.11
C ALA A 293 12.44 -3.57 -26.13
N GLU A 294 13.56 -4.29 -26.15
CA GLU A 294 14.86 -3.63 -26.21
C GLU A 294 15.06 -2.95 -27.57
N GLU A 295 14.67 -3.62 -28.66
CA GLU A 295 14.74 -3.00 -29.98
C GLU A 295 13.83 -1.78 -30.04
N ILE A 296 12.59 -1.94 -29.59
CA ILE A 296 11.61 -0.85 -29.63
C ILE A 296 12.12 0.34 -28.84
N SER A 297 12.65 0.09 -27.64
CA SER A 297 13.18 1.16 -26.79
C SER A 297 14.34 1.89 -27.48
N ALA A 298 15.21 1.15 -28.17
CA ALA A 298 16.28 1.78 -28.91
C ALA A 298 15.74 2.70 -29.99
N ALA A 299 14.86 2.16 -30.86
CA ALA A 299 14.28 2.95 -31.93
C ALA A 299 13.48 4.12 -31.40
N ALA A 300 13.04 4.06 -30.14
CA ALA A 300 12.26 5.13 -29.56
C ALA A 300 13.11 6.38 -29.32
N PHE A 301 14.40 6.22 -29.02
CA PHE A 301 15.25 7.39 -28.78
C PHE A 301 16.01 7.83 -30.03
N ARG A 302 16.64 6.90 -30.74
CA ARG A 302 17.13 7.21 -32.09
C ARG A 302 15.92 7.12 -33.00
N GLU A 303 15.17 8.23 -33.11
CA GLU A 303 13.78 8.17 -33.55
C GLU A 303 13.67 7.84 -35.04
N ASP A 304 12.78 6.92 -35.37
CA ASP A 304 12.52 6.61 -36.76
C ASP A 304 11.82 7.81 -37.41
N PRO A 305 11.93 7.94 -38.74
CA PRO A 305 11.21 9.04 -39.41
C PRO A 305 9.70 8.99 -39.19
N CYS A 306 9.15 7.82 -38.91
CA CYS A 306 7.78 7.68 -38.40
C CYS A 306 7.85 7.06 -37.01
N PRO A 307 7.84 7.86 -35.95
CA PRO A 307 8.27 7.39 -34.62
C PRO A 307 7.20 6.59 -33.87
N PHE A 308 6.70 5.53 -34.51
CA PHE A 308 5.79 4.62 -33.81
C PHE A 308 6.41 4.09 -32.52
N ALA A 309 7.70 3.76 -32.55
CA ALA A 309 8.37 3.24 -31.35
C ALA A 309 8.39 4.29 -30.24
N THR A 310 8.57 5.55 -30.61
CA THR A 310 8.46 6.63 -29.63
C THR A 310 7.09 6.64 -28.98
N LYS A 311 6.04 6.48 -29.79
CA LYS A 311 4.69 6.51 -29.24
C LYS A 311 4.44 5.33 -28.31
N ALA A 312 4.87 4.13 -28.70
CA ALA A 312 4.66 2.98 -27.82
C ALA A 312 5.37 3.16 -26.48
N LEU A 313 6.60 3.70 -26.50
CA LEU A 313 7.31 3.83 -25.23
C LEU A 313 6.72 4.95 -24.38
N LEU A 314 6.21 6.01 -25.02
CA LEU A 314 5.52 7.07 -24.27
C LEU A 314 4.31 6.51 -23.54
N ILE A 315 3.54 5.66 -24.22
CA ILE A 315 2.35 5.06 -23.60
C ILE A 315 2.76 4.15 -22.46
N HIS A 316 3.81 3.35 -22.68
CA HIS A 316 4.38 2.49 -21.64
C HIS A 316 4.71 3.29 -20.38
N TYR A 317 5.50 4.36 -20.52
CA TYR A 317 5.89 5.15 -19.35
C TYR A 317 4.72 5.93 -18.78
N ARG A 318 3.82 6.42 -19.64
CA ARG A 318 2.60 7.06 -19.13
C ARG A 318 1.89 6.16 -18.12
N PHE A 319 1.75 4.86 -18.44
CA PHE A 319 1.03 3.98 -17.55
C PHE A 319 1.85 3.68 -16.31
N LEU A 320 3.17 3.71 -16.42
CA LEU A 320 4.02 3.62 -15.23
C LEU A 320 3.80 4.83 -14.32
N MET A 321 3.70 6.01 -14.91
CA MET A 321 3.43 7.21 -14.13
C MET A 321 2.04 7.16 -13.51
N ARG A 322 1.07 6.55 -14.19
CA ARG A 322 -0.30 6.52 -13.68
C ARG A 322 -0.39 5.67 -12.41
N VAL A 323 0.18 4.47 -12.43
CA VAL A 323 0.17 3.65 -11.22
C VAL A 323 1.01 4.32 -10.13
N ALA A 324 2.15 4.91 -10.50
CA ALA A 324 2.92 5.64 -9.49
C ALA A 324 2.10 6.77 -8.89
N LYS A 325 1.34 7.49 -9.73
CA LYS A 325 0.51 8.58 -9.24
C LYS A 325 -0.47 8.08 -8.19
N ASN A 326 -1.14 6.97 -8.46
CA ASN A 326 -2.13 6.50 -7.50
C ASN A 326 -1.49 5.93 -6.25
N LEU A 327 -0.30 5.33 -6.36
CA LEU A 327 0.36 4.81 -5.17
C LEU A 327 0.98 5.91 -4.31
N CYS A 328 1.49 6.98 -4.93
CA CYS A 328 1.95 8.13 -4.17
C CYS A 328 0.81 8.77 -3.37
N VAL A 329 -0.37 8.88 -3.98
CA VAL A 329 -1.54 9.34 -3.22
C VAL A 329 -1.88 8.36 -2.11
N GLY A 330 -2.07 7.08 -2.48
CA GLY A 330 -2.57 6.12 -1.53
C GLY A 330 -1.61 5.85 -0.39
N LEU A 331 -0.33 5.66 -0.70
CA LEU A 331 0.66 5.35 0.32
C LEU A 331 1.38 6.57 0.87
N GLN A 332 0.99 7.77 0.45
CA GLN A 332 1.64 9.01 0.90
C GLN A 332 3.15 8.91 0.77
N ALA A 333 3.61 8.45 -0.39
CA ALA A 333 5.05 8.43 -0.67
C ALA A 333 5.60 9.84 -0.82
N LYS A 334 6.78 10.07 -0.25
CA LYS A 334 7.49 11.33 -0.42
C LYS A 334 8.48 11.30 -1.58
N GLY A 335 8.86 10.12 -2.05
CA GLY A 335 9.80 10.01 -3.16
C GLY A 335 9.63 8.71 -3.89
N MET A 336 10.29 8.62 -5.04
CA MET A 336 10.21 7.48 -5.94
C MET A 336 11.58 7.17 -6.50
N PHE A 337 11.97 5.90 -6.46
CA PHE A 337 13.20 5.44 -7.10
C PHE A 337 12.83 4.60 -8.31
N LEU A 338 13.29 5.03 -9.48
CA LEU A 338 13.24 4.21 -10.70
C LEU A 338 14.55 3.47 -10.81
N ALA A 339 14.52 2.15 -10.65
CA ALA A 339 15.72 1.33 -10.62
C ALA A 339 15.69 0.32 -11.77
N GLY A 340 16.82 -0.32 -11.96
CA GLY A 340 16.94 -1.40 -12.91
C GLY A 340 17.75 -0.98 -14.12
N ASP A 341 18.47 -1.95 -14.71
CA ASP A 341 19.35 -1.64 -15.82
C ASP A 341 18.57 -1.15 -17.03
N ASN A 342 17.30 -1.55 -17.15
CA ASN A 342 16.45 -1.00 -18.22
C ASN A 342 16.30 0.51 -18.07
N GLN A 343 16.12 0.97 -16.84
CA GLN A 343 15.95 2.40 -16.59
C GLN A 343 17.20 3.18 -16.95
N VAL A 344 18.38 2.61 -16.66
CA VAL A 344 19.63 3.29 -17.01
C VAL A 344 19.69 3.53 -18.51
N VAL A 345 19.34 2.51 -19.30
CA VAL A 345 19.39 2.64 -20.76
C VAL A 345 18.33 3.61 -21.26
N ASN A 346 17.15 3.61 -20.67
CA ASN A 346 16.06 4.45 -21.14
C ASN A 346 16.08 5.85 -20.54
N ASN A 347 17.06 6.18 -19.70
CA ASN A 347 17.07 7.51 -19.09
C ASN A 347 17.10 8.64 -20.11
N PRO A 348 17.88 8.58 -21.19
CA PRO A 348 17.83 9.70 -22.15
C PRO A 348 16.44 9.94 -22.72
N PHE A 349 15.73 8.87 -23.07
CA PHE A 349 14.35 9.02 -23.53
C PHE A 349 13.49 9.62 -22.42
N PHE A 350 13.53 9.01 -21.24
CA PHE A 350 12.68 9.44 -20.13
C PHE A 350 12.90 10.91 -19.81
N GLU A 351 14.16 11.36 -19.79
CA GLU A 351 14.43 12.75 -19.50
C GLU A 351 13.94 13.65 -20.64
N LYS A 352 14.16 13.24 -21.89
CA LYS A 352 13.68 14.03 -23.01
C LYS A 352 12.17 14.25 -22.95
N TYR A 353 11.43 13.29 -22.42
CA TYR A 353 9.98 13.40 -22.32
C TYR A 353 9.51 13.59 -20.89
N LEU A 354 10.37 14.13 -20.03
CA LEU A 354 10.02 14.27 -18.62
C LEU A 354 8.77 15.13 -18.43
N ALA A 355 8.54 16.12 -19.31
CA ALA A 355 7.37 16.97 -19.16
C ALA A 355 6.09 16.19 -19.36
N GLU A 356 6.06 15.33 -20.37
CA GLU A 356 4.94 14.42 -20.54
C GLU A 356 4.79 13.52 -19.31
N MET A 357 5.92 13.03 -18.76
CA MET A 357 5.86 12.17 -17.58
C MET A 357 5.22 12.90 -16.41
N ARG A 358 5.65 14.13 -16.15
CA ARG A 358 5.11 14.89 -15.02
C ARG A 358 3.64 15.21 -15.21
N ALA A 359 3.25 15.58 -16.44
CA ALA A 359 1.85 15.92 -16.72
C ALA A 359 0.92 14.75 -16.46
N GLU A 360 1.35 13.52 -16.75
CA GLU A 360 0.55 12.35 -16.43
C GLU A 360 0.52 12.14 -14.92
N PHE A 361 1.68 12.24 -14.28
CA PHE A 361 1.78 12.04 -12.84
C PHE A 361 0.86 12.99 -12.08
N LEU A 362 0.77 14.25 -12.50
CA LEU A 362 -0.01 15.25 -11.79
C LEU A 362 -1.46 15.34 -12.28
N ASP A 363 -1.86 14.49 -13.22
CA ASP A 363 -3.21 14.51 -13.76
C ASP A 363 -4.13 13.77 -12.78
N HIS A 364 -4.50 14.48 -11.71
CA HIS A 364 -5.21 13.95 -10.55
C HIS A 364 -5.98 15.10 -9.93
N PRO A 365 -7.18 14.86 -9.38
CA PRO A 365 -7.94 15.96 -8.79
C PRO A 365 -7.25 16.65 -7.61
N LYS A 366 -6.20 16.05 -7.05
CA LYS A 366 -5.49 16.63 -5.91
C LYS A 366 -4.00 16.78 -6.22
N PRO A 367 -3.63 17.60 -7.22
CA PRO A 367 -2.20 17.68 -7.56
C PRO A 367 -1.34 18.21 -6.43
N ASP A 368 -1.89 19.05 -5.56
CA ASP A 368 -1.15 19.54 -4.40
C ASP A 368 -0.71 18.40 -3.48
N TRP A 369 -1.36 17.24 -3.54
CA TRP A 369 -0.97 16.14 -2.67
C TRP A 369 0.34 15.49 -3.12
N ILE A 370 0.70 15.63 -4.40
CA ILE A 370 1.81 14.88 -4.95
C ILE A 370 2.81 15.74 -5.73
N ASP A 371 2.58 17.06 -5.83
CA ASP A 371 3.48 17.84 -6.69
C ASP A 371 4.82 18.14 -6.04
N LYS A 372 5.02 17.74 -4.79
CA LYS A 372 6.32 17.80 -4.14
C LYS A 372 7.00 16.43 -4.06
N VAL A 373 6.35 15.38 -4.57
CA VAL A 373 6.93 14.05 -4.50
C VAL A 373 8.22 14.02 -5.30
N GLU A 374 9.26 13.45 -4.74
CA GLU A 374 10.55 13.48 -5.40
C GLU A 374 10.72 12.24 -6.27
N LEU A 375 11.60 12.35 -7.27
CA LEU A 375 11.82 11.30 -8.24
C LEU A 375 13.31 11.13 -8.52
N TYR A 376 13.80 9.91 -8.35
CA TYR A 376 15.20 9.58 -8.54
C TYR A 376 15.31 8.44 -9.54
N THR A 377 16.36 8.48 -10.36
CA THR A 377 16.56 7.44 -11.36
C THR A 377 17.95 6.85 -11.20
N GLN A 378 18.06 5.56 -11.46
CA GLN A 378 19.35 4.90 -11.42
C GLN A 378 20.20 5.37 -12.60
N THR A 379 21.48 5.65 -12.34
CA THR A 379 22.35 6.27 -13.33
C THR A 379 23.39 5.34 -13.93
N GLN A 380 23.67 4.21 -13.30
CA GLN A 380 24.63 3.27 -13.87
C GLN A 380 24.17 1.86 -13.55
N SER A 381 24.54 0.93 -14.44
CA SER A 381 24.18 -0.46 -14.21
C SER A 381 24.83 -0.95 -12.93
N PHE A 382 24.09 -1.73 -12.17
CA PHE A 382 24.54 -2.27 -10.89
C PHE A 382 23.49 -3.25 -10.42
N ASN A 383 23.90 -4.47 -10.05
CA ASN A 383 22.91 -5.45 -9.60
CA ASN A 383 22.97 -5.49 -9.58
C ASN A 383 22.58 -5.12 -8.15
N ILE A 384 21.65 -4.18 -8.01
CA ILE A 384 21.21 -3.77 -6.69
CA ILE A 384 21.19 -3.76 -6.70
C ILE A 384 20.45 -4.91 -6.01
N ASN A 385 19.81 -5.78 -6.80
CA ASN A 385 19.07 -6.91 -6.22
C ASN A 385 19.99 -7.87 -5.52
N LEU A 386 21.11 -8.21 -6.16
CA LEU A 386 22.09 -9.08 -5.55
C LEU A 386 22.68 -8.43 -4.31
N HIS A 387 22.90 -7.11 -4.39
CA HIS A 387 23.39 -6.34 -3.24
C HIS A 387 22.43 -6.46 -2.07
N GLY A 388 21.13 -6.33 -2.33
CA GLY A 388 20.14 -6.44 -1.27
C GLY A 388 20.04 -7.83 -0.67
N ALA A 389 20.16 -8.87 -1.52
CA ALA A 389 20.10 -10.24 -0.99
C ALA A 389 21.25 -10.51 -0.03
N LEU A 390 22.45 -10.05 -0.39
CA LEU A 390 23.58 -10.20 0.53
C LEU A 390 23.33 -9.44 1.82
N TYR A 391 22.82 -8.21 1.71
CA TYR A 391 22.50 -7.43 2.90
C TYR A 391 21.48 -8.14 3.78
N TYR A 392 20.43 -8.70 3.16
CA TYR A 392 19.43 -9.44 3.92
C TYR A 392 20.05 -10.62 4.64
N ALA A 393 20.90 -11.37 3.94
CA ALA A 393 21.50 -12.57 4.52
C ALA A 393 22.37 -12.25 5.71
N ARG A 394 23.21 -11.22 5.62
CA ARG A 394 24.17 -10.96 6.68
C ARG A 394 23.58 -10.20 7.86
N THR A 395 22.36 -9.67 7.74
CA THR A 395 21.73 -8.97 8.84
C THR A 395 20.58 -9.76 9.48
N ASP A 396 20.35 -10.99 9.03
CA ASP A 396 19.23 -11.79 9.52
C ASP A 396 19.61 -12.59 10.76
N LEU B 23 -21.92 25.80 26.36
CA LEU B 23 -22.59 25.11 25.27
C LEU B 23 -22.34 23.59 25.32
N VAL B 24 -21.19 23.21 25.89
CA VAL B 24 -20.80 21.80 26.04
C VAL B 24 -20.63 21.53 27.53
N ASP B 25 -21.19 20.41 28.00
CA ASP B 25 -21.14 20.09 29.42
CA ASP B 25 -21.20 20.07 29.42
C ASP B 25 -20.83 18.61 29.63
N ILE B 26 -20.04 18.34 30.68
CA ILE B 26 -19.73 16.97 31.07
C ILE B 26 -20.98 16.33 31.63
N GLY B 27 -21.32 15.14 31.12
CA GLY B 27 -22.49 14.44 31.60
C GLY B 27 -22.40 14.18 33.09
N GLU B 28 -23.53 14.34 33.77
CA GLU B 28 -23.63 13.95 35.18
C GLU B 28 -23.56 12.44 35.36
N GLU B 29 -23.58 11.68 34.28
CA GLU B 29 -23.41 10.23 34.36
C GLU B 29 -21.94 9.84 34.47
N ALA B 30 -21.04 10.66 33.94
CA ALA B 30 -19.62 10.38 33.97
C ALA B 30 -18.97 10.83 35.26
N ARG B 31 -19.55 11.83 35.94
CA ARG B 31 -18.96 12.37 37.15
C ARG B 31 -18.67 11.33 38.22
N PRO B 32 -19.56 10.40 38.54
CA PRO B 32 -19.26 9.49 39.66
C PRO B 32 -18.05 8.63 39.39
N ALA B 33 -17.83 8.20 38.14
CA ALA B 33 -16.64 7.41 37.82
C ALA B 33 -15.38 8.24 38.02
N LEU B 34 -15.39 9.47 37.51
CA LEU B 34 -14.22 10.34 37.70
C LEU B 34 -13.95 10.59 39.18
N LEU B 35 -14.98 10.89 39.96
CA LEU B 35 -14.79 11.05 41.39
C LEU B 35 -14.22 9.78 42.01
N HIS B 36 -14.68 8.62 41.55
CA HIS B 36 -14.14 7.37 42.08
C HIS B 36 -12.65 7.22 41.78
N TRP B 37 -12.21 7.71 40.61
CA TRP B 37 -10.78 7.67 40.29
C TRP B 37 -9.95 8.42 41.32
N LYS B 38 -10.42 9.58 41.77
CA LYS B 38 -9.71 10.29 42.85
C LYS B 38 -9.76 9.52 44.16
N ASP B 39 -10.94 9.00 44.54
CA ASP B 39 -11.03 8.14 45.73
C ASP B 39 -9.97 7.05 45.71
N ARG B 40 -9.78 6.40 44.56
CA ARG B 40 -8.95 5.21 44.49
C ARG B 40 -7.47 5.54 44.35
N PHE B 41 -7.12 6.42 43.43
CA PHE B 41 -5.74 6.66 43.09
C PHE B 41 -5.10 7.84 43.84
N LYS B 42 -5.90 8.71 44.45
CA LYS B 42 -5.42 9.81 45.32
C LYS B 42 -4.28 10.54 44.61
N GLU B 43 -3.11 10.74 45.26
CA GLU B 43 -2.09 11.59 44.66
C GLU B 43 -1.45 10.94 43.45
N SER B 44 -1.69 9.65 43.21
CA SER B 44 -1.05 8.96 42.11
C SER B 44 -1.90 8.96 40.84
N LEU B 45 -3.03 9.65 40.85
CA LEU B 45 -3.95 9.62 39.71
C LEU B 45 -3.27 10.10 38.44
N LYS B 46 -3.43 9.33 37.37
CA LYS B 46 -2.98 9.74 36.05
C LYS B 46 -3.95 9.18 35.02
N TYR B 47 -4.18 9.94 33.96
CA TYR B 47 -5.17 9.52 32.98
C TYR B 47 -4.76 10.04 31.62
N PHE B 48 -5.38 9.45 30.61
CA PHE B 48 -5.10 9.75 29.23
C PHE B 48 -6.39 10.21 28.56
N VAL B 49 -6.22 10.98 27.50
CA VAL B 49 -7.34 11.60 26.79
C VAL B 49 -7.45 10.97 25.40
N GLY B 50 -8.66 10.65 24.99
CA GLY B 50 -8.93 10.24 23.63
C GLY B 50 -10.00 11.13 23.04
N VAL B 51 -9.80 11.53 21.80
CA VAL B 51 -10.78 12.34 21.09
C VAL B 51 -11.11 11.68 19.76
N ASP B 52 -12.39 11.58 19.44
CA ASP B 52 -12.85 11.08 18.15
C ASP B 52 -13.60 12.20 17.46
N ILE B 53 -12.99 12.75 16.41
CA ILE B 53 -13.59 13.83 15.62
C ILE B 53 -14.37 13.16 14.50
N GLY B 54 -15.67 12.97 14.70
CA GLY B 54 -16.51 12.37 13.67
C GLY B 54 -17.02 13.38 12.68
N GLY B 55 -17.79 12.89 11.71
CA GLY B 55 -18.36 13.78 10.71
C GLY B 55 -19.27 14.83 11.33
N THR B 56 -20.14 14.41 12.25
CA THR B 56 -21.10 15.30 12.90
C THR B 56 -20.71 15.67 14.31
N ASN B 57 -20.18 14.73 15.09
CA ASN B 57 -19.93 14.92 16.51
C ASN B 57 -18.49 14.59 16.86
N THR B 58 -17.97 15.31 17.84
CA THR B 58 -16.68 15.00 18.43
C THR B 58 -16.89 14.45 19.82
N ARG B 59 -16.20 13.37 20.14
CA ARG B 59 -16.37 12.67 21.40
C ARG B 59 -15.04 12.65 22.12
N VAL B 60 -15.10 12.82 23.44
CA VAL B 60 -13.92 12.86 24.31
C VAL B 60 -14.09 11.79 25.37
N ALA B 61 -13.03 11.03 25.63
CA ALA B 61 -13.07 10.04 26.69
C ALA B 61 -11.79 10.10 27.49
N LEU B 62 -11.89 9.78 28.78
CA LEU B 62 -10.76 9.69 29.69
C LEU B 62 -10.52 8.24 30.09
N ASP B 63 -9.26 7.91 30.31
CA ASP B 63 -8.92 6.53 30.65
C ASP B 63 -7.74 6.55 31.63
N THR B 64 -7.87 5.81 32.72
CA THR B 64 -6.79 5.72 33.71
C THR B 64 -5.68 4.80 33.27
N GLY B 65 -5.95 3.91 32.32
CA GLY B 65 -4.96 2.97 31.87
C GLY B 65 -4.85 1.67 32.64
N SER B 66 -5.68 1.44 33.66
CA SER B 66 -5.79 0.10 34.24
C SER B 66 -7.13 -0.50 33.82
N SER B 67 -7.09 -1.72 33.30
CA SER B 67 -8.29 -2.30 32.72
C SER B 67 -9.35 -2.70 33.74
N ASP B 68 -9.01 -2.76 35.02
CA ASP B 68 -10.04 -2.92 36.02
C ASP B 68 -10.85 -1.64 36.26
N GLU B 69 -10.49 -0.53 35.62
CA GLU B 69 -11.31 0.68 35.60
C GLU B 69 -11.72 1.00 34.16
N PRO B 70 -12.97 0.75 33.76
CA PRO B 70 -13.38 1.09 32.40
C PRO B 70 -13.20 2.58 32.12
N TYR B 71 -12.80 2.90 30.89
CA TYR B 71 -12.69 4.30 30.53
C TYR B 71 -14.08 4.91 30.42
N VAL B 72 -14.11 6.25 30.39
CA VAL B 72 -15.30 7.03 30.65
C VAL B 72 -15.44 8.03 29.53
N GLN B 73 -16.56 7.99 28.80
CA GLN B 73 -16.83 9.03 27.81
C GLN B 73 -17.37 10.25 28.53
N ILE B 74 -16.72 11.40 28.35
CA ILE B 74 -17.06 12.59 29.12
C ILE B 74 -17.76 13.66 28.28
N ALA B 75 -17.66 13.62 26.95
CA ALA B 75 -18.26 14.68 26.17
C ALA B 75 -18.65 14.17 24.79
N LYS B 76 -19.75 14.70 24.27
CA LYS B 76 -20.13 14.53 22.87
C LYS B 76 -20.78 15.82 22.43
N PHE B 77 -20.22 16.47 21.40
CA PHE B 77 -20.74 17.76 20.97
C PHE B 77 -20.63 17.86 19.45
N ARG B 78 -21.56 18.63 18.86
CA ARG B 78 -21.56 18.83 17.42
C ARG B 78 -20.48 19.84 17.02
N ALA B 79 -19.78 19.52 15.94
CA ALA B 79 -18.67 20.34 15.46
C ALA B 79 -18.40 19.99 14.00
N SER B 80 -18.26 21.01 13.17
CA SER B 80 -18.00 20.79 11.76
C SER B 80 -16.90 21.71 11.21
N SER B 81 -16.13 22.33 12.09
CA SER B 81 -15.07 23.26 11.72
C SER B 81 -14.01 23.21 12.81
N SER B 82 -12.76 23.47 12.43
CA SER B 82 -11.68 23.43 13.41
C SER B 82 -12.01 24.29 14.62
N LYS B 83 -12.61 25.47 14.38
CA LYS B 83 -12.94 26.35 15.47
C LYS B 83 -13.92 25.71 16.45
N HIS B 84 -14.98 25.06 15.94
CA HIS B 84 -15.93 24.37 16.81
C HIS B 84 -15.22 23.30 17.64
N ILE B 85 -14.42 22.48 16.97
CA ILE B 85 -13.73 21.37 17.63
C ILE B 85 -12.89 21.89 18.79
N VAL B 86 -12.08 22.92 18.52
CA VAL B 86 -11.12 23.38 19.51
C VAL B 86 -11.83 24.08 20.66
N GLU B 87 -12.85 24.89 20.34
CA GLU B 87 -13.60 25.57 21.40
C GLU B 87 -14.30 24.56 22.29
N GLY B 88 -14.86 23.50 21.71
CA GLY B 88 -15.48 22.47 22.53
C GLY B 88 -14.47 21.81 23.45
N LEU B 89 -13.30 21.46 22.90
CA LEU B 89 -12.27 20.80 23.72
C LEU B 89 -11.79 21.70 24.84
N GLN B 90 -11.77 23.03 24.61
CA GLN B 90 -11.42 23.96 25.69
C GLN B 90 -12.44 23.92 26.82
N GLN B 91 -13.74 23.91 26.49
CA GLN B 91 -14.78 23.84 27.52
C GLN B 91 -14.71 22.53 28.29
N VAL B 92 -14.53 21.41 27.58
CA VAL B 92 -14.43 20.12 28.27
C VAL B 92 -13.24 20.13 29.20
N ALA B 93 -12.13 20.76 28.77
CA ALA B 93 -10.94 20.78 29.60
C ALA B 93 -11.22 21.51 30.91
N ARG B 94 -11.90 22.67 30.83
CA ARG B 94 -12.22 23.41 32.05
C ARG B 94 -13.13 22.58 32.96
N GLN B 95 -14.03 21.80 32.39
CA GLN B 95 -14.93 21.00 33.23
C GLN B 95 -14.19 19.86 33.91
N VAL B 96 -13.21 19.25 33.23
CA VAL B 96 -12.40 18.23 33.87
C VAL B 96 -11.52 18.82 34.97
N ALA B 97 -11.05 20.05 34.77
CA ALA B 97 -10.23 20.68 35.80
C ALA B 97 -11.01 20.88 37.09
N ASP B 98 -12.32 21.08 37.01
CA ASP B 98 -13.14 21.25 38.20
C ASP B 98 -13.54 19.94 38.86
N ILE B 99 -13.12 18.80 38.30
CA ILE B 99 -13.46 17.47 38.82
C ILE B 99 -12.19 16.71 39.23
N LEU B 100 -11.32 16.43 38.24
CA LEU B 100 -10.12 15.65 38.49
C LEU B 100 -8.98 16.48 39.06
N GLY B 101 -8.88 17.75 38.70
CA GLY B 101 -7.92 18.62 39.36
C GLY B 101 -6.47 18.30 39.06
N VAL B 102 -6.18 17.54 38.03
CA VAL B 102 -4.80 17.28 37.63
C VAL B 102 -4.79 17.17 36.11
N PRO B 103 -3.76 17.67 35.43
CA PRO B 103 -3.73 17.57 33.97
C PRO B 103 -3.55 16.13 33.51
N ALA B 104 -4.01 15.87 32.29
CA ALA B 104 -3.86 14.59 31.62
C ALA B 104 -2.39 14.31 31.32
N SER B 105 -2.02 13.02 31.31
CA SER B 105 -0.63 12.61 31.08
C SER B 105 -0.32 12.27 29.62
N GLY B 106 -1.33 12.17 28.77
CA GLY B 106 -1.13 11.95 27.35
C GLY B 106 -2.47 12.05 26.64
N ALA B 107 -2.41 12.23 25.32
CA ALA B 107 -3.63 12.51 24.58
C ALA B 107 -3.48 12.05 23.14
N CYS B 108 -4.59 11.62 22.55
CA CYS B 108 -4.62 11.24 21.15
C CYS B 108 -5.96 11.66 20.55
N LEU B 109 -5.91 12.34 19.40
CA LEU B 109 -7.10 12.74 18.66
C LEU B 109 -7.12 12.05 17.30
N ALA B 110 -8.25 11.42 16.97
CA ALA B 110 -8.45 10.75 15.69
C ALA B 110 -9.35 11.58 14.78
N GLY B 111 -8.99 11.67 13.50
CA GLY B 111 -9.73 12.50 12.58
C GLY B 111 -9.56 12.08 11.14
N ALA B 112 -10.51 12.52 10.31
CA ALA B 112 -10.63 12.09 8.91
C ALA B 112 -9.71 12.94 8.02
N GLY B 113 -8.40 12.71 8.15
CA GLY B 113 -7.48 13.40 7.27
C GLY B 113 -6.04 12.95 7.39
N ARG B 114 -5.18 13.67 6.68
CA ARG B 114 -3.75 13.41 6.70
C ARG B 114 -3.12 13.99 7.95
N ILE B 115 -2.13 13.28 8.48
CA ILE B 115 -1.45 13.65 9.70
C ILE B 115 -0.07 14.21 9.34
N GLY B 116 0.30 15.32 9.97
CA GLY B 116 1.66 15.84 9.77
C GLY B 116 2.70 14.84 10.23
N ASP B 117 3.92 15.02 9.71
CA ASP B 117 5.01 14.07 9.99
C ASP B 117 5.23 13.85 11.48
N ASP B 118 5.04 14.88 12.31
CA ASP B 118 5.34 14.80 13.73
C ASP B 118 4.12 14.44 14.58
N GLY B 119 2.98 14.16 13.95
CA GLY B 119 1.77 13.86 14.69
C GLY B 119 1.10 15.05 15.33
N LEU B 120 1.55 16.25 15.03
CA LEU B 120 1.06 17.45 15.69
C LEU B 120 0.08 18.23 14.81
N SER B 121 -0.34 17.66 13.69
CA SER B 121 -1.32 18.35 12.88
C SER B 121 -2.18 17.32 12.17
N LEU B 122 -3.38 17.76 11.79
CA LEU B 122 -4.37 16.94 11.10
C LEU B 122 -5.06 17.81 10.05
N ASP B 123 -4.93 17.44 8.78
CA ASP B 123 -5.59 18.13 7.69
C ASP B 123 -6.84 17.35 7.34
N ILE B 124 -8.00 17.87 7.75
CA ILE B 124 -9.28 17.19 7.55
C ILE B 124 -9.70 17.36 6.09
N THR B 125 -9.67 16.24 5.36
CA THR B 125 -9.70 16.29 3.91
C THR B 125 -10.99 16.91 3.38
N ASN B 126 -12.15 16.49 3.91
CA ASN B 126 -13.41 16.90 3.32
C ASN B 126 -14.09 18.04 4.07
N TYR B 127 -13.34 18.79 4.90
CA TYR B 127 -13.91 20.04 5.40
C TYR B 127 -13.91 21.09 4.30
N PRO B 128 -14.83 22.05 4.34
CA PRO B 128 -14.73 23.21 3.46
C PRO B 128 -13.58 24.13 3.87
N GLY B 129 -13.33 25.13 3.04
CA GLY B 129 -12.41 26.20 3.39
C GLY B 129 -11.00 25.98 2.87
N THR B 130 -10.13 26.93 3.23
CA THR B 130 -8.74 26.87 2.83
C THR B 130 -8.02 25.72 3.54
N PRO B 131 -6.85 25.32 3.05
CA PRO B 131 -6.06 24.31 3.78
C PRO B 131 -5.78 24.70 5.23
N ALA B 132 -5.66 26.00 5.51
CA ALA B 132 -5.55 26.46 6.88
C ALA B 132 -6.82 26.16 7.67
N ASP B 133 -7.99 26.47 7.08
CA ASP B 133 -9.27 26.18 7.74
C ASP B 133 -9.41 24.71 8.08
N ARG B 134 -8.92 23.81 7.22
CA ARG B 134 -9.13 22.39 7.46
C ARG B 134 -8.13 21.79 8.42
N THR B 135 -7.12 22.54 8.84
CA THR B 135 -6.01 21.94 9.57
C THR B 135 -6.17 22.20 11.07
N LEU B 136 -6.10 21.13 11.85
CA LEU B 136 -6.03 21.26 13.30
C LEU B 136 -4.59 21.05 13.73
N THR B 137 -4.10 21.92 14.59
CA THR B 137 -2.79 21.72 15.18
C THR B 137 -3.01 21.57 16.69
N SER B 138 -1.93 21.56 17.46
CA SER B 138 -2.08 21.65 18.89
C SER B 138 -1.93 23.09 19.39
N ASP B 139 -1.94 24.06 18.47
CA ASP B 139 -1.68 25.44 18.87
C ASP B 139 -2.77 25.99 19.76
N GLN B 140 -4.01 25.56 19.57
CA GLN B 140 -5.12 26.06 20.38
CA GLN B 140 -5.13 26.05 20.36
C GLN B 140 -5.70 24.99 21.30
N LEU B 141 -5.08 23.82 21.38
CA LEU B 141 -5.55 22.78 22.29
C LEU B 141 -5.30 23.20 23.74
N PRO B 142 -6.26 22.97 24.65
CA PRO B 142 -6.05 23.26 26.06
C PRO B 142 -5.01 22.33 26.67
N THR B 143 -3.96 22.91 27.25
CA THR B 143 -2.89 22.09 27.84
C THR B 143 -3.41 21.11 28.87
N TYR B 144 -4.48 21.47 29.60
CA TYR B 144 -4.96 20.63 30.69
C TYR B 144 -5.27 19.21 30.23
N LEU B 145 -5.84 19.05 29.03
CA LEU B 145 -6.12 17.74 28.47
C LEU B 145 -5.10 17.28 27.43
N PHE B 146 -4.26 18.16 26.91
CA PHE B 146 -3.38 17.85 25.79
C PHE B 146 -1.96 18.31 26.11
N PRO B 147 -1.20 17.51 26.86
CA PRO B 147 0.11 17.99 27.32
C PRO B 147 1.09 18.16 26.18
N ALA B 148 2.02 19.09 26.40
CA ALA B 148 2.89 19.60 25.35
C ALA B 148 3.65 18.49 24.64
N ASP B 149 4.21 17.57 25.41
CA ASP B 149 5.11 16.59 24.82
C ASP B 149 4.46 15.23 24.62
N ALA B 150 3.14 15.12 24.79
CA ALA B 150 2.49 13.82 24.78
C ALA B 150 1.11 13.88 24.14
N THR B 151 0.96 14.72 23.11
CA THR B 151 -0.28 14.86 22.36
C THR B 151 -0.02 14.56 20.89
N HIS B 152 -0.83 13.69 20.30
CA HIS B 152 -0.63 13.31 18.91
C HIS B 152 -1.98 13.18 18.22
N TYR B 153 -2.04 13.67 16.99
CA TYR B 153 -3.13 13.38 16.09
C TYR B 153 -2.84 12.08 15.36
N ILE B 154 -3.91 11.31 15.07
CA ILE B 154 -3.82 10.16 14.17
C ILE B 154 -5.03 10.15 13.25
N ASN B 155 -4.90 9.41 12.16
CA ASN B 155 -5.95 9.31 11.16
C ASN B 155 -7.07 8.38 11.66
N ASP B 156 -8.29 8.59 11.14
CA ASP B 156 -9.43 7.90 11.73
C ASP B 156 -9.39 6.38 11.48
N LEU B 157 -9.04 5.95 10.26
CA LEU B 157 -8.91 4.52 10.05
C LEU B 157 -7.65 3.98 10.71
N GLU B 158 -6.60 4.80 10.81
CA GLU B 158 -5.46 4.45 11.66
C GLU B 158 -5.93 4.12 13.08
N SER B 159 -6.81 4.95 13.65
CA SER B 159 -7.29 4.66 14.99
CA SER B 159 -7.31 4.68 14.98
C SER B 159 -8.21 3.44 15.01
N THR B 160 -8.95 3.20 13.93
CA THR B 160 -9.74 1.96 13.83
C THR B 160 -8.84 0.75 13.98
N CYS B 161 -7.70 0.76 13.30
CA CYS B 161 -6.74 -0.34 13.43
C CYS B 161 -6.24 -0.51 14.87
N TYR B 162 -5.91 0.59 15.55
CA TYR B 162 -5.51 0.49 16.95
C TYR B 162 -6.64 -0.05 17.81
N GLY B 163 -7.88 0.34 17.51
CA GLY B 163 -9.00 -0.22 18.25
C GLY B 163 -9.18 -1.70 18.02
N LEU B 164 -8.95 -2.15 16.77
CA LEU B 164 -8.95 -3.60 16.52
C LEU B 164 -7.83 -4.29 17.27
N LYS B 165 -6.63 -3.70 17.28
CA LYS B 165 -5.55 -4.28 18.08
C LYS B 165 -5.93 -4.36 19.55
N SER B 166 -6.55 -3.32 20.08
CA SER B 166 -6.92 -3.34 21.49
C SER B 166 -7.98 -4.41 21.78
N LEU B 167 -9.01 -4.49 20.95
CA LEU B 167 -10.02 -5.54 21.12
C LEU B 167 -9.38 -6.92 21.09
N ASN B 168 -8.42 -7.12 20.20
CA ASN B 168 -7.82 -8.44 20.08
C ASN B 168 -6.92 -8.76 21.27
N GLU B 169 -6.21 -7.76 21.78
CA GLU B 169 -5.36 -8.03 22.94
C GLU B 169 -6.19 -8.36 24.18
N SER B 170 -7.40 -7.82 24.28
CA SER B 170 -8.33 -8.12 25.38
C SER B 170 -9.20 -9.34 25.11
N ASN B 171 -9.01 -10.01 23.98
CA ASN B 171 -9.72 -11.25 23.64
C ASN B 171 -11.20 -11.01 23.35
N GLN B 172 -11.57 -9.79 22.94
CA GLN B 172 -12.98 -9.49 22.71
C GLN B 172 -13.33 -9.21 21.24
N LEU B 173 -12.40 -9.45 20.31
CA LEU B 173 -12.63 -9.08 18.91
C LEU B 173 -13.86 -9.75 18.33
N ALA B 174 -14.08 -11.03 18.63
CA ALA B 174 -15.21 -11.76 18.08
C ALA B 174 -16.56 -11.27 18.60
N SER B 175 -16.58 -10.46 19.67
CA SER B 175 -17.85 -9.88 20.11
C SER B 175 -18.32 -8.76 19.22
N PHE B 176 -17.46 -8.22 18.36
CA PHE B 176 -17.77 -7.06 17.54
C PHE B 176 -17.69 -7.28 16.04
N PHE B 177 -17.16 -8.42 15.58
CA PHE B 177 -17.01 -8.73 14.17
C PHE B 177 -17.36 -10.19 13.93
N LYS B 178 -17.97 -10.47 12.80
CA LYS B 178 -18.34 -11.81 12.39
C LYS B 178 -17.80 -12.02 10.98
N PRO B 179 -17.59 -13.26 10.58
CA PRO B 179 -17.10 -13.51 9.22
C PRO B 179 -18.23 -13.56 8.21
N LEU B 180 -17.99 -12.98 7.04
CA LEU B 180 -18.81 -13.23 5.85
C LEU B 180 -18.14 -14.16 4.85
N TRP B 181 -16.82 -14.03 4.65
CA TRP B 181 -16.03 -15.03 3.92
C TRP B 181 -14.92 -15.51 4.84
N SER B 182 -14.91 -16.81 5.12
CA SER B 182 -13.91 -17.38 6.01
C SER B 182 -14.03 -18.89 5.95
N THR B 183 -12.93 -19.56 6.29
CA THR B 183 -12.95 -20.98 6.56
C THR B 183 -13.26 -21.29 8.02
N SER B 184 -13.47 -20.26 8.85
CA SER B 184 -13.72 -20.38 10.27
C SER B 184 -14.96 -19.59 10.65
N ASP B 185 -15.66 -20.03 11.70
CA ASP B 185 -16.87 -19.34 12.14
C ASP B 185 -16.62 -18.23 13.15
N THR B 186 -15.37 -17.99 13.57
CA THR B 186 -15.05 -16.90 14.47
CA THR B 186 -15.02 -16.92 14.50
C THR B 186 -13.90 -16.07 13.91
N VAL B 187 -13.93 -14.78 14.22
CA VAL B 187 -12.97 -13.82 13.70
C VAL B 187 -11.76 -13.82 14.62
N THR B 188 -10.60 -14.18 14.06
CA THR B 188 -9.33 -14.15 14.77
C THR B 188 -8.32 -13.38 13.95
N MET B 189 -7.48 -12.60 14.62
CA MET B 189 -6.41 -11.86 13.97
C MET B 189 -5.10 -12.64 14.10
N LYS B 190 -4.44 -12.88 12.98
CA LYS B 190 -3.18 -13.59 12.91
C LYS B 190 -2.07 -12.59 12.61
N ARG B 191 -0.84 -13.10 12.45
CA ARG B 191 0.27 -12.28 11.96
C ARG B 191 0.18 -12.31 10.45
N ALA B 192 -0.52 -11.31 9.90
CA ALA B 192 -0.82 -11.27 8.48
C ALA B 192 -1.32 -9.87 8.16
N ASN B 193 -1.36 -9.55 6.86
CA ASN B 193 -1.87 -8.26 6.41
C ASN B 193 -3.39 -8.25 6.40
N TYR B 194 -3.99 -7.17 6.92
CA TYR B 194 -5.44 -6.98 6.94
C TYR B 194 -5.79 -5.57 6.47
N LEU B 195 -6.65 -5.47 5.45
CA LEU B 195 -7.27 -4.19 5.12
C LEU B 195 -8.36 -3.88 6.14
N VAL B 196 -8.47 -2.60 6.48
CA VAL B 196 -9.55 -2.09 7.31
C VAL B 196 -10.23 -0.94 6.57
N LEU B 197 -11.55 -1.04 6.39
CA LEU B 197 -12.31 -0.11 5.57
C LEU B 197 -13.54 0.39 6.32
N ALA B 198 -13.86 1.66 6.12
CA ALA B 198 -15.05 2.28 6.70
C ALA B 198 -15.47 3.42 5.79
N VAL B 199 -16.78 3.59 5.60
CA VAL B 199 -17.33 4.54 4.66
C VAL B 199 -18.20 5.54 5.43
N GLY B 200 -17.93 6.83 5.24
CA GLY B 200 -18.77 7.87 5.82
C GLY B 200 -18.66 9.16 5.05
N THR B 201 -18.04 10.17 5.66
CA THR B 201 -17.72 11.37 4.90
C THR B 201 -16.75 11.06 3.77
N GLY B 202 -15.91 10.04 3.94
CA GLY B 202 -14.98 9.63 2.90
C GLY B 202 -14.87 8.13 2.83
N LEU B 203 -13.97 7.66 1.97
CA LEU B 203 -13.61 6.25 1.92
C LEU B 203 -12.32 6.10 2.73
N GLY B 204 -12.40 5.44 3.87
CA GLY B 204 -11.25 5.24 4.72
C GLY B 204 -10.70 3.84 4.52
N ILE B 205 -9.39 3.75 4.35
CA ILE B 205 -8.72 2.45 4.25
C ILE B 205 -7.38 2.53 4.96
N ALA B 206 -7.12 1.56 5.83
CA ALA B 206 -5.82 1.43 6.48
C ALA B 206 -5.40 -0.03 6.41
N LEU B 207 -4.11 -0.25 6.68
CA LEU B 207 -3.50 -1.56 6.57
C LEU B 207 -2.89 -1.94 7.92
N LEU B 208 -3.38 -3.03 8.50
CA LEU B 208 -2.64 -3.70 9.56
C LEU B 208 -1.64 -4.62 8.89
N THR B 209 -0.35 -4.41 9.14
CA THR B 209 0.65 -5.12 8.36
C THR B 209 1.64 -5.86 9.25
N SER B 210 1.95 -7.07 8.83
CA SER B 210 2.96 -7.91 9.46
CA SER B 210 2.97 -7.90 9.45
C SER B 210 4.18 -7.88 8.53
N LEU B 211 5.24 -7.21 8.97
CA LEU B 211 6.45 -7.11 8.18
C LEU B 211 7.51 -8.06 8.73
N GLY B 212 8.42 -8.49 7.86
CA GLY B 212 9.41 -9.46 8.26
C GLY B 212 8.88 -10.89 8.31
N ARG B 213 9.66 -11.84 7.79
CA ARG B 213 9.29 -13.25 7.77
C ARG B 213 10.19 -14.04 8.71
N GLY B 214 9.58 -14.96 9.46
CA GLY B 214 10.34 -15.78 10.39
C GLY B 214 11.07 -15.01 11.48
N SER B 215 12.40 -14.97 11.39
CA SER B 215 13.20 -14.31 12.42
C SER B 215 12.90 -12.82 12.53
N ARG B 216 12.50 -12.19 11.42
CA ARG B 216 12.29 -10.74 11.37
C ARG B 216 10.85 -10.32 11.66
N ASN B 217 9.93 -11.26 11.84
CA ASN B 217 8.53 -10.87 11.97
C ASN B 217 8.32 -9.99 13.20
N ILE B 218 7.45 -9.00 13.05
CA ILE B 218 7.16 -7.98 14.05
C ILE B 218 5.64 -8.00 14.27
N PRO B 219 5.14 -7.76 15.50
CA PRO B 219 3.69 -7.62 15.69
C PRO B 219 3.07 -6.62 14.72
N LEU B 220 1.75 -6.72 14.53
CA LEU B 220 1.05 -5.92 13.55
C LEU B 220 1.28 -4.44 13.80
N GLN B 221 1.75 -3.75 12.77
CA GLN B 221 1.87 -2.31 12.75
C GLN B 221 0.73 -1.74 11.92
N VAL B 222 0.43 -0.46 12.17
CA VAL B 222 -0.65 0.24 11.49
C VAL B 222 -0.05 1.16 10.43
N MET B 223 -0.54 1.04 9.20
CA MET B 223 -0.15 1.94 8.12
C MET B 223 -1.38 2.71 7.64
N PRO B 224 -1.49 3.99 7.94
CA PRO B 224 -2.59 4.77 7.38
C PRO B 224 -2.39 4.92 5.89
N MET B 225 -3.50 5.10 5.18
N MET B 225 -3.49 5.10 5.18
CA MET B 225 -3.46 5.18 3.72
CA MET B 225 -3.45 5.17 3.72
C MET B 225 -4.49 6.19 3.26
C MET B 225 -4.51 6.16 3.25
N GLU B 226 -4.41 6.52 1.97
CA GLU B 226 -5.32 7.47 1.35
C GLU B 226 -5.81 6.92 0.01
N PHE B 227 -6.03 5.62 -0.06
CA PHE B 227 -6.49 5.04 -1.32
C PHE B 227 -7.92 5.39 -1.67
N GLY B 228 -8.67 6.01 -0.76
CA GLY B 228 -9.97 6.50 -1.14
C GLY B 228 -9.89 7.50 -2.28
N HIS B 229 -8.76 8.18 -2.40
CA HIS B 229 -8.57 9.24 -3.39
C HIS B 229 -7.81 8.78 -4.62
N ALA B 230 -7.50 7.49 -4.73
CA ALA B 230 -6.96 6.96 -5.97
C ALA B 230 -8.03 6.93 -7.04
N LEU B 231 -7.60 7.04 -8.30
CA LEU B 231 -8.55 7.05 -9.40
C LEU B 231 -9.14 5.67 -9.60
N TYR B 232 -10.40 5.64 -10.01
CA TYR B 232 -11.13 4.37 -10.11
C TYR B 232 -10.55 3.47 -11.21
N SER B 233 -10.93 2.19 -11.15
CA SER B 233 -10.68 1.19 -12.17
C SER B 233 -11.98 0.83 -12.87
N PRO B 234 -11.98 0.66 -14.18
CA PRO B 234 -13.20 0.32 -14.89
C PRO B 234 -13.49 -1.17 -14.80
N VAL B 235 -14.54 -1.57 -15.52
CA VAL B 235 -14.98 -2.95 -15.66
C VAL B 235 -15.21 -3.20 -17.15
N THR B 236 -14.97 -4.43 -17.59
CA THR B 236 -15.25 -4.79 -18.98
C THR B 236 -16.45 -5.71 -19.13
N ASP B 237 -16.95 -6.28 -18.03
CA ASP B 237 -18.17 -7.07 -18.05
C ASP B 237 -19.23 -6.31 -18.83
N PRO B 238 -19.65 -6.84 -19.98
CA PRO B 238 -20.54 -6.06 -20.86
C PRO B 238 -21.80 -5.57 -20.18
N ALA B 239 -22.40 -6.41 -19.32
CA ALA B 239 -23.65 -6.04 -18.66
C ALA B 239 -23.52 -4.81 -17.76
N LYS B 240 -22.30 -4.43 -17.39
CA LYS B 240 -22.05 -3.31 -16.51
C LYS B 240 -21.26 -2.18 -17.14
N LYS B 241 -20.50 -2.44 -18.21
CA LYS B 241 -19.58 -1.44 -18.75
C LYS B 241 -20.33 -0.19 -19.21
N ASP B 242 -21.43 -0.38 -19.93
CA ASP B 242 -22.19 0.76 -20.45
C ASP B 242 -22.65 1.68 -19.33
N GLU B 243 -23.27 1.11 -18.29
CA GLU B 243 -23.79 1.94 -17.21
C GLU B 243 -22.67 2.63 -16.45
N GLU B 244 -21.59 1.91 -16.16
CA GLU B 244 -20.47 2.52 -15.42
C GLU B 244 -19.78 3.58 -16.26
N ASP B 245 -19.57 3.31 -17.54
CA ASP B 245 -18.94 4.28 -18.41
C ASP B 245 -19.74 5.59 -18.43
N ARG B 246 -21.06 5.49 -18.53
CA ARG B 246 -21.89 6.69 -18.52
C ARG B 246 -21.85 7.39 -17.16
N LEU B 247 -21.84 6.63 -16.07
CA LEU B 247 -21.84 7.24 -14.75
C LEU B 247 -20.52 7.94 -14.45
N ALA B 248 -19.42 7.26 -14.76
CA ALA B 248 -18.09 7.85 -14.59
C ALA B 248 -17.95 9.15 -15.39
N ALA B 249 -18.36 9.13 -16.66
CA ALA B 249 -18.36 10.34 -17.48
C ALA B 249 -19.21 11.43 -16.86
N TYR B 250 -20.35 11.06 -16.29
CA TYR B 250 -21.25 12.04 -15.72
C TYR B 250 -20.64 12.68 -14.46
N LEU B 251 -19.99 11.88 -13.62
CA LEU B 251 -19.39 12.44 -12.41
C LEU B 251 -18.14 13.27 -12.71
N SER B 252 -17.31 12.80 -13.66
CA SER B 252 -16.17 13.60 -14.10
C SER B 252 -16.63 14.97 -14.58
N LYS B 253 -17.71 14.99 -15.36
CA LYS B 253 -18.29 16.25 -15.83
C LYS B 253 -18.72 17.12 -14.66
N THR B 254 -19.57 16.59 -13.78
CA THR B 254 -20.19 17.43 -12.76
C THR B 254 -19.22 17.80 -11.63
N LEU B 255 -18.25 16.94 -11.36
CA LEU B 255 -17.30 17.20 -10.27
C LEU B 255 -16.03 17.90 -10.74
N TYR B 256 -15.57 17.62 -11.96
CA TYR B 256 -14.26 18.09 -12.40
C TYR B 256 -14.30 18.75 -13.77
N SER B 257 -15.49 19.02 -14.32
CA SER B 257 -15.63 19.60 -15.64
C SER B 257 -14.84 18.84 -16.70
N GLY B 258 -14.62 17.54 -16.45
CA GLY B 258 -14.00 16.65 -17.41
C GLY B 258 -12.50 16.50 -17.28
N LYS B 259 -11.85 17.28 -16.41
CA LYS B 259 -10.40 17.34 -16.42
C LYS B 259 -9.76 16.07 -15.83
N ASN B 260 -10.43 15.38 -14.90
CA ASN B 260 -9.87 14.16 -14.34
C ASN B 260 -10.95 13.09 -14.23
N ALA B 261 -10.50 11.84 -14.16
CA ALA B 261 -11.35 10.73 -13.78
C ALA B 261 -11.69 10.79 -12.28
N ILE B 262 -12.75 10.09 -11.89
CA ILE B 262 -13.19 10.15 -10.50
C ILE B 262 -12.25 9.38 -9.58
N GLU B 263 -12.16 9.84 -8.33
CA GLU B 263 -11.61 9.03 -7.26
C GLU B 263 -12.65 8.01 -6.83
N TYR B 264 -12.18 6.88 -6.27
CA TYR B 264 -13.11 5.93 -5.70
C TYR B 264 -14.07 6.63 -4.74
N GLU B 265 -13.55 7.60 -3.98
CA GLU B 265 -14.36 8.25 -2.95
C GLU B 265 -15.51 9.05 -3.55
N ASP B 266 -15.41 9.42 -4.83
CA ASP B 266 -16.51 10.19 -5.41
C ASP B 266 -17.77 9.35 -5.54
N ILE B 267 -17.65 8.03 -5.48
CA ILE B 267 -18.80 7.15 -5.39
C ILE B 267 -18.90 6.52 -4.00
N VAL B 268 -17.77 6.14 -3.42
CA VAL B 268 -17.78 5.37 -2.16
C VAL B 268 -17.67 6.39 -1.04
N SER B 269 -18.80 7.02 -0.72
CA SER B 269 -18.92 8.00 0.36
C SER B 269 -20.39 8.33 0.54
N GLY B 270 -20.70 9.12 1.56
CA GLY B 270 -22.07 9.59 1.70
C GLY B 270 -22.54 10.41 0.52
N ARG B 271 -21.71 11.38 0.10
CA ARG B 271 -22.10 12.22 -1.04
C ARG B 271 -22.17 11.41 -2.33
N GLY B 272 -21.29 10.41 -2.48
CA GLY B 272 -21.33 9.57 -3.66
C GLY B 272 -22.63 8.80 -3.79
N VAL B 273 -23.15 8.28 -2.67
CA VAL B 273 -24.44 7.60 -2.69
C VAL B 273 -25.53 8.56 -3.19
N LEU B 274 -25.53 9.80 -2.67
CA LEU B 274 -26.50 10.77 -3.14
C LEU B 274 -26.35 11.04 -4.64
N ALA B 275 -25.11 11.22 -5.11
CA ALA B 275 -24.89 11.54 -6.51
C ALA B 275 -25.27 10.39 -7.44
N VAL B 276 -24.96 9.16 -7.04
CA VAL B 276 -25.34 8.00 -7.85
C VAL B 276 -26.85 7.91 -7.96
N TYR B 277 -27.55 8.05 -6.82
CA TYR B 277 -29.01 8.00 -6.84
C TYR B 277 -29.59 9.11 -7.71
N GLN B 278 -29.04 10.31 -7.62
CA GLN B 278 -29.58 11.40 -8.43
C GLN B 278 -29.35 11.12 -9.91
N TRP B 279 -28.19 10.55 -10.25
CA TRP B 279 -27.94 10.19 -11.64
C TRP B 279 -28.89 9.08 -12.08
N ILE B 280 -29.10 8.07 -11.23
CA ILE B 280 -30.04 6.99 -11.53
C ILE B 280 -31.44 7.54 -11.79
N THR B 281 -31.88 8.52 -11.00
CA THR B 281 -33.20 9.11 -11.15
C THR B 281 -33.18 10.46 -11.84
N ALA B 282 -32.11 10.76 -12.58
CA ALA B 282 -32.06 12.05 -13.26
C ALA B 282 -33.25 12.25 -14.19
N GLU B 283 -33.75 11.17 -14.78
CA GLU B 283 -34.80 11.23 -15.80
C GLU B 283 -36.19 10.91 -15.26
N HIS B 284 -36.39 10.97 -13.94
CA HIS B 284 -37.69 10.64 -13.35
C HIS B 284 -38.05 11.71 -12.33
N LYS B 285 -38.96 12.61 -12.72
CA LYS B 285 -39.43 13.66 -11.81
C LYS B 285 -40.09 13.07 -10.57
N GLU B 286 -40.94 12.05 -10.75
CA GLU B 286 -41.70 11.49 -9.64
C GLU B 286 -40.88 10.58 -8.73
N ALA B 287 -39.60 10.34 -9.07
CA ALA B 287 -38.74 9.56 -8.20
C ALA B 287 -38.60 10.24 -6.84
N ALA B 288 -38.82 9.46 -5.78
CA ALA B 288 -38.69 9.95 -4.41
C ALA B 288 -37.37 10.67 -4.21
N LYS B 289 -37.43 11.98 -3.96
CA LYS B 289 -36.22 12.75 -3.75
C LYS B 289 -35.69 12.50 -2.34
N TYR B 290 -34.39 12.26 -2.23
CA TYR B 290 -33.73 12.15 -0.94
C TYR B 290 -32.51 13.07 -0.94
N GLU B 291 -32.00 13.35 0.27
CA GLU B 291 -30.97 14.35 0.45
C GLU B 291 -29.82 13.85 1.31
N SER B 292 -29.71 12.54 1.52
CA SER B 292 -28.62 11.98 2.30
C SER B 292 -28.50 10.50 2.00
N ALA B 293 -27.27 10.00 2.09
CA ALA B 293 -27.03 8.56 1.97
C ALA B 293 -27.87 7.79 2.98
N GLU B 294 -28.05 8.37 4.17
CA GLU B 294 -28.86 7.74 5.21
C GLU B 294 -30.29 7.50 4.73
N GLU B 295 -30.88 8.47 4.02
CA GLU B 295 -32.25 8.30 3.53
C GLU B 295 -32.31 7.27 2.42
N ILE B 296 -31.38 7.36 1.46
CA ILE B 296 -31.36 6.41 0.34
C ILE B 296 -31.15 5.00 0.86
N SER B 297 -30.28 4.83 1.85
CA SER B 297 -30.07 3.50 2.44
C SER B 297 -31.35 2.99 3.08
N ALA B 298 -32.01 3.83 3.87
CA ALA B 298 -33.27 3.42 4.47
C ALA B 298 -34.30 3.07 3.42
N ALA B 299 -34.29 3.77 2.27
CA ALA B 299 -35.19 3.41 1.19
C ALA B 299 -34.84 2.05 0.61
N ALA B 300 -33.55 1.71 0.57
CA ALA B 300 -33.14 0.40 0.07
C ALA B 300 -33.38 -0.72 1.09
N PHE B 301 -33.53 -0.38 2.38
CA PHE B 301 -33.64 -1.38 3.44
C PHE B 301 -35.08 -1.70 3.83
N ARG B 302 -36.07 -1.00 3.29
CA ARG B 302 -37.43 -1.19 3.72
C ARG B 302 -38.05 -2.40 3.03
N GLU B 303 -39.19 -2.86 3.55
CA GLU B 303 -39.71 -4.17 3.18
C GLU B 303 -39.93 -4.29 1.67
N ASP B 304 -40.51 -3.26 1.04
CA ASP B 304 -40.59 -3.15 -0.42
C ASP B 304 -39.78 -1.94 -0.88
N PRO B 305 -38.51 -2.13 -1.23
CA PRO B 305 -37.66 -0.99 -1.61
C PRO B 305 -37.84 -0.62 -3.07
N CYS B 306 -37.58 0.67 -3.36
CA CYS B 306 -37.60 1.11 -4.75
CA CYS B 306 -37.62 1.10 -4.76
C CYS B 306 -36.30 0.72 -5.44
N PRO B 307 -36.37 0.09 -6.62
CA PRO B 307 -35.13 -0.35 -7.29
C PRO B 307 -34.11 0.76 -7.54
N PHE B 308 -34.54 2.02 -7.69
CA PHE B 308 -33.56 3.10 -7.80
C PHE B 308 -32.65 3.15 -6.58
N ALA B 309 -33.25 3.11 -5.37
CA ALA B 309 -32.45 3.12 -4.15
C ALA B 309 -31.56 1.89 -4.08
N THR B 310 -32.15 0.71 -4.33
CA THR B 310 -31.39 -0.54 -4.36
C THR B 310 -30.20 -0.44 -5.31
N LYS B 311 -30.43 0.09 -6.51
CA LYS B 311 -29.35 0.18 -7.48
C LYS B 311 -28.25 1.12 -6.99
N ALA B 312 -28.62 2.26 -6.42
CA ALA B 312 -27.58 3.20 -5.98
C ALA B 312 -26.67 2.55 -4.95
N LEU B 313 -27.25 1.81 -4.02
CA LEU B 313 -26.42 1.20 -2.98
C LEU B 313 -25.55 0.09 -3.57
N LEU B 314 -26.07 -0.65 -4.55
CA LEU B 314 -25.29 -1.73 -5.17
C LEU B 314 -24.08 -1.17 -5.91
N ILE B 315 -24.25 -0.07 -6.64
CA ILE B 315 -23.12 0.55 -7.32
C ILE B 315 -22.12 1.07 -6.31
N HIS B 316 -22.62 1.70 -5.24
CA HIS B 316 -21.77 2.14 -4.14
C HIS B 316 -20.91 1.00 -3.62
N TYR B 317 -21.55 -0.13 -3.30
CA TYR B 317 -20.81 -1.25 -2.74
C TYR B 317 -19.96 -1.96 -3.79
N ARG B 318 -20.42 -2.00 -5.05
CA ARG B 318 -19.58 -2.54 -6.10
C ARG B 318 -18.22 -1.84 -6.16
N PHE B 319 -18.23 -0.50 -6.05
CA PHE B 319 -16.98 0.26 -6.16
C PHE B 319 -16.14 0.12 -4.91
N LEU B 320 -16.77 -0.06 -3.74
CA LEU B 320 -16.01 -0.44 -2.54
C LEU B 320 -15.31 -1.78 -2.76
N MET B 321 -16.03 -2.76 -3.31
CA MET B 321 -15.38 -4.05 -3.59
C MET B 321 -14.29 -3.90 -4.66
N ARG B 322 -14.44 -2.94 -5.57
CA ARG B 322 -13.43 -2.79 -6.61
C ARG B 322 -12.10 -2.31 -6.03
N VAL B 323 -12.12 -1.27 -5.20
CA VAL B 323 -10.87 -0.82 -4.59
C VAL B 323 -10.32 -1.90 -3.66
N ALA B 324 -11.21 -2.56 -2.90
CA ALA B 324 -10.75 -3.60 -2.00
C ALA B 324 -10.03 -4.71 -2.77
N LYS B 325 -10.57 -5.09 -3.93
CA LYS B 325 -9.96 -6.15 -4.71
C LYS B 325 -8.57 -5.76 -5.20
N ASN B 326 -8.38 -4.51 -5.64
CA ASN B 326 -7.06 -4.10 -6.11
C ASN B 326 -6.07 -3.95 -4.97
N LEU B 327 -6.52 -3.48 -3.80
CA LEU B 327 -5.61 -3.39 -2.66
C LEU B 327 -5.25 -4.75 -2.10
N CYS B 328 -6.20 -5.71 -2.12
CA CYS B 328 -5.89 -7.05 -1.66
C CYS B 328 -4.81 -7.70 -2.54
N VAL B 329 -4.89 -7.47 -3.85
CA VAL B 329 -3.83 -7.88 -4.76
C VAL B 329 -2.54 -7.12 -4.46
N GLY B 330 -2.60 -5.79 -4.46
CA GLY B 330 -1.39 -5.01 -4.33
C GLY B 330 -0.71 -5.18 -2.99
N LEU B 331 -1.48 -5.16 -1.90
CA LEU B 331 -0.91 -5.24 -0.56
C LEU B 331 -0.87 -6.66 -0.04
N GLN B 332 -1.27 -7.64 -0.84
CA GLN B 332 -1.31 -9.04 -0.42
C GLN B 332 -2.01 -9.17 0.94
N ALA B 333 -3.21 -8.61 1.04
CA ALA B 333 -4.00 -8.74 2.26
C ALA B 333 -4.53 -10.16 2.39
N LYS B 334 -4.53 -10.67 3.63
CA LYS B 334 -5.19 -11.95 3.91
C LYS B 334 -6.64 -11.80 4.37
N GLY B 335 -7.05 -10.60 4.77
CA GLY B 335 -8.41 -10.41 5.27
C GLY B 335 -8.78 -8.95 5.21
N MET B 336 -10.09 -8.68 5.35
CA MET B 336 -10.63 -7.34 5.34
C MET B 336 -11.64 -7.17 6.48
N PHE B 337 -11.52 -6.06 7.21
CA PHE B 337 -12.52 -5.67 8.21
C PHE B 337 -13.37 -4.53 7.64
N LEU B 338 -14.70 -4.73 7.62
CA LEU B 338 -15.63 -3.65 7.29
C LEU B 338 -16.13 -3.08 8.61
N ALA B 339 -15.70 -1.86 8.93
CA ALA B 339 -15.96 -1.26 10.23
C ALA B 339 -16.88 -0.07 10.07
N GLY B 340 -17.37 0.43 11.20
CA GLY B 340 -18.22 1.61 11.21
C GLY B 340 -19.63 1.24 11.62
N ASP B 341 -20.28 2.12 12.39
CA ASP B 341 -21.64 1.81 12.83
C ASP B 341 -22.61 1.76 11.66
N ASN B 342 -22.35 2.51 10.60
CA ASN B 342 -23.25 2.44 9.45
C ASN B 342 -23.18 1.06 8.79
N GLN B 343 -21.99 0.43 8.81
CA GLN B 343 -21.88 -0.93 8.30
C GLN B 343 -22.75 -1.89 9.09
N VAL B 344 -22.89 -1.66 10.41
CA VAL B 344 -23.79 -2.49 11.21
C VAL B 344 -25.21 -2.37 10.68
N VAL B 345 -25.63 -1.16 10.34
CA VAL B 345 -26.97 -0.93 9.82
C VAL B 345 -27.12 -1.56 8.44
N ASN B 346 -26.06 -1.52 7.64
CA ASN B 346 -26.13 -1.96 6.25
C ASN B 346 -25.90 -3.46 6.07
N ASN B 347 -25.57 -4.19 7.13
CA ASN B 347 -25.21 -5.60 6.96
C ASN B 347 -26.32 -6.45 6.35
N PRO B 348 -27.60 -6.33 6.73
CA PRO B 348 -28.63 -7.16 6.06
C PRO B 348 -28.67 -6.94 4.56
N PHE B 349 -28.50 -5.70 4.11
CA PHE B 349 -28.46 -5.44 2.67
C PHE B 349 -27.20 -6.03 2.05
N PHE B 350 -26.06 -5.77 2.66
CA PHE B 350 -24.79 -6.28 2.16
C PHE B 350 -24.82 -7.80 2.10
N GLU B 351 -25.36 -8.45 3.13
CA GLU B 351 -25.42 -9.90 3.12
C GLU B 351 -26.44 -10.41 2.12
N LYS B 352 -27.54 -9.67 1.92
CA LYS B 352 -28.51 -10.07 0.90
C LYS B 352 -27.88 -10.06 -0.49
N TYR B 353 -26.92 -9.18 -0.74
CA TYR B 353 -26.30 -9.09 -2.05
C TYR B 353 -24.83 -9.51 -2.01
N LEU B 354 -24.50 -10.43 -1.12
CA LEU B 354 -23.11 -10.84 -0.95
C LEU B 354 -22.57 -11.49 -2.22
N ALA B 355 -23.43 -12.19 -2.97
CA ALA B 355 -23.02 -12.78 -4.23
C ALA B 355 -22.65 -11.70 -5.26
N GLU B 356 -23.38 -10.59 -5.29
CA GLU B 356 -22.98 -9.47 -6.13
C GLU B 356 -21.65 -8.89 -5.66
N MET B 357 -21.49 -8.71 -4.34
CA MET B 357 -20.21 -8.23 -3.80
C MET B 357 -19.07 -9.16 -4.20
N ARG B 358 -19.22 -10.46 -3.96
CA ARG B 358 -18.13 -11.39 -4.22
C ARG B 358 -17.81 -11.48 -5.70
N ALA B 359 -18.83 -11.40 -6.56
CA ALA B 359 -18.61 -11.43 -8.00
C ALA B 359 -17.74 -10.26 -8.46
N GLU B 360 -17.99 -9.05 -7.93
CA GLU B 360 -17.12 -7.92 -8.25
C GLU B 360 -15.72 -8.12 -7.70
N PHE B 361 -15.62 -8.61 -6.47
CA PHE B 361 -14.32 -8.75 -5.82
C PHE B 361 -13.43 -9.73 -6.58
N LEU B 362 -14.00 -10.80 -7.13
CA LEU B 362 -13.22 -11.79 -7.87
C LEU B 362 -13.08 -11.47 -9.34
N ASP B 363 -13.59 -10.32 -9.78
CA ASP B 363 -13.54 -9.98 -11.21
C ASP B 363 -12.15 -9.41 -11.49
N HIS B 364 -11.20 -10.33 -11.65
CA HIS B 364 -9.79 -9.98 -11.74
C HIS B 364 -9.11 -11.10 -12.50
N PRO B 365 -8.15 -10.80 -13.37
CA PRO B 365 -7.47 -11.86 -14.12
C PRO B 365 -6.80 -12.91 -13.25
N LYS B 366 -6.53 -12.63 -11.98
CA LYS B 366 -5.89 -13.56 -11.06
C LYS B 366 -6.81 -13.87 -9.87
N PRO B 367 -7.96 -14.49 -10.11
CA PRO B 367 -8.88 -14.76 -8.99
C PRO B 367 -8.27 -15.66 -7.94
N ASP B 368 -7.37 -16.57 -8.31
CA ASP B 368 -6.76 -17.44 -7.31
C ASP B 368 -5.88 -16.67 -6.33
N TRP B 369 -5.48 -15.43 -6.68
CA TRP B 369 -4.72 -14.65 -5.72
C TRP B 369 -5.57 -14.16 -4.56
N ILE B 370 -6.89 -14.08 -4.72
CA ILE B 370 -7.72 -13.39 -3.75
C ILE B 370 -8.97 -14.16 -3.34
N ASP B 371 -9.23 -15.33 -3.94
CA ASP B 371 -10.47 -16.04 -3.59
C ASP B 371 -10.43 -16.68 -2.21
N LYS B 372 -9.30 -16.62 -1.51
CA LYS B 372 -9.23 -17.02 -0.12
C LYS B 372 -9.11 -15.84 0.85
N VAL B 373 -9.10 -14.60 0.37
CA VAL B 373 -9.08 -13.45 1.28
C VAL B 373 -10.34 -13.46 2.13
N GLU B 374 -10.19 -13.28 3.43
CA GLU B 374 -11.32 -13.33 4.35
C GLU B 374 -11.97 -11.95 4.48
N LEU B 375 -13.25 -11.97 4.87
CA LEU B 375 -14.05 -10.76 4.95
C LEU B 375 -14.84 -10.77 6.24
N TYR B 376 -14.60 -9.78 7.09
CA TYR B 376 -15.24 -9.67 8.38
C TYR B 376 -16.05 -8.39 8.44
N THR B 377 -17.17 -8.42 9.15
CA THR B 377 -17.98 -7.20 9.24
C THR B 377 -18.37 -6.93 10.69
N GLN B 378 -18.42 -5.65 11.04
CA GLN B 378 -18.78 -5.24 12.39
C GLN B 378 -20.24 -5.59 12.67
N THR B 379 -20.51 -6.12 13.86
CA THR B 379 -21.83 -6.65 14.17
C THR B 379 -22.57 -5.89 15.25
N GLN B 380 -21.92 -4.98 15.97
CA GLN B 380 -22.67 -4.15 16.88
C GLN B 380 -22.03 -2.77 16.90
N SER B 381 -22.86 -1.77 17.14
CA SER B 381 -22.35 -0.41 17.19
C SER B 381 -21.36 -0.29 18.35
N PHE B 382 -20.26 0.41 18.09
CA PHE B 382 -19.16 0.56 19.03
C PHE B 382 -18.21 1.60 18.47
N ASN B 383 -17.80 2.56 19.28
CA ASN B 383 -16.91 3.61 18.79
C ASN B 383 -15.48 3.08 18.84
N ILE B 384 -15.12 2.31 17.81
CA ILE B 384 -13.79 1.74 17.80
C ILE B 384 -12.71 2.79 17.54
N ASN B 385 -13.06 3.92 16.90
CA ASN B 385 -12.09 5.00 16.71
C ASN B 385 -11.65 5.58 18.03
N LEU B 386 -12.62 5.94 18.87
CA LEU B 386 -12.32 6.36 20.24
C LEU B 386 -11.52 5.30 20.98
N HIS B 387 -11.91 4.02 20.83
CA HIS B 387 -11.19 2.93 21.47
C HIS B 387 -9.73 2.92 21.03
N GLY B 388 -9.48 3.11 19.73
CA GLY B 388 -8.12 3.15 19.25
C GLY B 388 -7.36 4.38 19.73
N ALA B 389 -8.05 5.52 19.80
CA ALA B 389 -7.37 6.73 20.25
C ALA B 389 -6.88 6.57 21.68
N LEU B 390 -7.70 5.96 22.55
CA LEU B 390 -7.28 5.77 23.94
C LEU B 390 -6.13 4.79 24.03
N TYR B 391 -6.19 3.72 23.25
CA TYR B 391 -5.11 2.73 23.23
C TYR B 391 -3.79 3.40 22.83
N TYR B 392 -3.82 4.19 21.77
CA TYR B 392 -2.62 4.88 21.31
C TYR B 392 -2.07 5.77 22.41
N ALA B 393 -2.93 6.58 23.04
CA ALA B 393 -2.42 7.53 24.02
C ALA B 393 -1.76 6.83 25.19
N ARG B 394 -2.31 5.70 25.63
CA ARG B 394 -1.79 5.06 26.83
C ARG B 394 -0.64 4.08 26.56
N THR B 395 -0.39 3.70 25.29
CA THR B 395 0.78 2.89 24.97
C THR B 395 1.91 3.73 24.34
N ASP B 396 1.83 5.05 24.41
CA ASP B 396 2.79 5.89 23.70
C ASP B 396 4.00 6.27 24.57
C2 BGC C . 5.63 -10.08 -9.92
C3 BGC C . 6.33 -9.33 -8.79
C4 BGC C . 7.66 -8.73 -9.25
C5 BGC C . 7.46 -7.92 -10.54
C6 BGC C . 8.74 -7.37 -11.16
C1 BGC C . 5.51 -9.09 -11.08
O1 BGC C . 4.80 -9.63 -12.16
O2 BGC C . 4.37 -10.59 -9.50
O3 BGC C . 6.50 -10.18 -7.68
O4 BGC C . 8.19 -7.94 -8.22
O5 BGC C . 6.81 -8.74 -11.49
O6 BGC C . 9.66 -8.40 -11.48
C2 BGC D . 21.10 -8.89 -19.11
C3 BGC D . 19.59 -8.68 -18.99
C4 BGC D . 18.98 -9.54 -17.87
C5 BGC D . 19.80 -9.41 -16.61
C6 BGC D . 19.20 -10.28 -15.54
C1 BGC D . 21.78 -9.01 -17.75
O1 BGC D . 23.10 -9.50 -17.93
O2 BGC D . 21.64 -7.79 -19.82
O3 BGC D . 19.01 -8.99 -20.23
O4 BGC D . 17.65 -9.16 -17.60
O5 BGC D . 21.08 -9.90 -16.91
O6 BGC D . 18.94 -11.50 -16.19
S SO4 E . 27.58 -9.11 -14.85
O1 SO4 E . 28.70 -9.85 -15.44
O2 SO4 E . 27.16 -9.79 -13.63
O3 SO4 E . 26.47 -9.10 -15.79
O4 SO4 E . 27.98 -7.74 -14.52
C1 EDO F . 4.80 -19.07 -2.66
O1 EDO F . 4.52 -20.11 -1.71
C2 EDO F . 3.84 -17.88 -2.48
O2 EDO F . 2.53 -18.23 -2.92
C2 BGC G . -9.65 11.15 4.10
C3 BGC G . -9.01 10.04 4.93
C4 BGC G . -10.06 9.39 5.83
C5 BGC G . -11.25 8.93 5.00
C6 BGC G . -12.38 8.39 5.86
C1 BGC G . -10.80 10.49 3.36
O1 BGC G . -11.38 11.43 2.52
O2 BGC G . -8.76 11.68 3.14
O3 BGC G . -7.91 10.49 5.69
O4 BGC G . -9.43 8.28 6.45
O5 BGC G . -11.76 10.02 4.27
O6 BGC G . -12.79 9.33 6.81
C2 BGC H . -24.09 10.69 14.61
C3 BGC H . -23.57 10.76 13.17
C4 BGC H . -22.09 11.16 13.17
C5 BGC H . -21.26 10.36 14.17
C6 BGC H . -19.92 11.05 14.23
C1 BGC H . -23.15 9.85 15.47
O1 BGC H . -23.64 9.81 16.79
O2 BGC H . -25.40 10.16 14.62
O3 BGC H . -24.34 11.69 12.41
O4 BGC H . -21.52 11.05 11.88
O5 BGC H . -21.86 10.41 15.45
O6 BGC H . -20.17 12.38 13.85
S SO4 I . -22.88 8.06 21.96
O1 SO4 I . -22.85 6.63 22.30
O2 SO4 I . -21.52 8.60 22.06
O3 SO4 I . -23.76 8.80 22.85
O4 SO4 I . -23.36 8.24 20.58
C1 EDO J . -1.25 17.43 7.84
O1 EDO J . -0.41 18.48 8.37
C2 EDO J . -0.63 16.85 6.56
O2 EDO J . -0.97 17.67 5.44
#